data_2V78
#
_entry.id   2V78
#
_cell.length_a   104.865
_cell.length_b   104.865
_cell.length_c   422.502
_cell.angle_alpha   90.00
_cell.angle_beta   90.00
_cell.angle_gamma   120.00
#
_symmetry.space_group_name_H-M   'P 65 2 2'
#
loop_
_entity.id
_entity.type
_entity.pdbx_description
1 polymer FRUCTOKINASE
2 water water
#
_entity_poly.entity_id   1
_entity_poly.type   'polypeptide(L)'
_entity_poly.pdbx_seq_one_letter_code
;MVDVIALGEPLIQFNSFNPGPLRFVNYFEKHVAGSELNFCIAVVRNHLSCSLIARVGNDEFGKNIIEYSRAQGIDTSHIK
VDNESFTGIYFIQRGYPIPMKSELVYYRKGSAGSRLSPEDINENYVRNSRLVHSTGITLAISDNAKEAVIKAFELAKSRS
LDTNIRPKLWSSLEKAKETILSILKKYDIEVLITDPDDTKILLDVTDPDEAYRKYKELGVKVLLYKLGSKGAIAYKDNVK
AFKDAYKVPVEDPTGAGDAMAGTFVSLYLQGKDIEYSLAHGIAASTLVITVRGDNELTPTLEDAERFLNEFKT
;
_entity_poly.pdbx_strand_id   A,B,C
#
# COMPACT_ATOMS: atom_id res chain seq x y z
N VAL A 2 -5.03 -34.95 -23.80
CA VAL A 2 -4.42 -34.47 -22.53
C VAL A 2 -4.94 -35.20 -21.26
N ASP A 3 -4.10 -35.41 -20.25
CA ASP A 3 -4.58 -36.00 -18.99
C ASP A 3 -5.63 -35.15 -18.19
N VAL A 4 -5.35 -33.85 -17.99
CA VAL A 4 -6.15 -33.00 -17.13
C VAL A 4 -6.44 -31.70 -17.87
N ILE A 5 -7.69 -31.28 -17.83
CA ILE A 5 -8.11 -29.98 -18.36
C ILE A 5 -8.57 -29.20 -17.11
N ALA A 6 -8.09 -27.96 -16.95
CA ALA A 6 -8.59 -27.12 -15.88
C ALA A 6 -9.18 -25.89 -16.53
N LEU A 7 -10.26 -25.36 -15.96
CA LEU A 7 -10.91 -24.15 -16.46
C LEU A 7 -10.69 -23.12 -15.42
N GLY A 8 -10.21 -21.92 -15.79
CA GLY A 8 -10.08 -20.90 -14.75
C GLY A 8 -9.60 -19.57 -15.29
N GLU A 9 -9.26 -18.67 -14.39
CA GLU A 9 -8.75 -17.35 -14.81
C GLU A 9 -7.35 -17.22 -14.21
N PRO A 10 -6.32 -17.30 -15.07
CA PRO A 10 -4.96 -17.05 -14.55
C PRO A 10 -4.81 -15.52 -14.36
N LEU A 11 -3.90 -15.12 -13.45
CA LEU A 11 -3.82 -13.71 -12.99
C LEU A 11 -2.38 -13.35 -12.71
N ILE A 12 -2.05 -12.05 -12.69
CA ILE A 12 -0.73 -11.61 -12.20
C ILE A 12 -0.91 -11.21 -10.75
N GLN A 13 -0.03 -11.73 -9.88
CA GLN A 13 0.00 -11.44 -8.47
C GLN A 13 1.13 -10.47 -8.20
N PHE A 14 0.87 -9.44 -7.41
CA PHE A 14 1.90 -8.52 -6.94
C PHE A 14 2.07 -8.64 -5.45
N ASN A 15 3.27 -8.99 -4.99
CA ASN A 15 3.52 -9.18 -3.53
C ASN A 15 4.36 -8.06 -3.02
N SER A 16 4.08 -7.53 -1.84
CA SER A 16 5.04 -6.69 -1.14
C SER A 16 6.26 -7.48 -0.65
N PHE A 17 7.43 -6.87 -0.49
CA PHE A 17 8.56 -7.59 0.18
C PHE A 17 8.37 -7.93 1.64
N ASN A 18 7.62 -7.06 2.33
N ASN A 18 7.76 -7.02 2.40
CA ASN A 18 7.54 -7.07 3.76
CA ASN A 18 7.59 -7.28 3.83
C ASN A 18 6.05 -7.00 4.22
C ASN A 18 6.12 -7.01 4.25
N PRO A 19 5.73 -7.45 5.46
CA PRO A 19 4.41 -7.18 5.99
C PRO A 19 4.06 -5.69 5.97
N GLY A 20 2.77 -5.42 5.95
CA GLY A 20 2.26 -4.15 6.38
C GLY A 20 1.20 -3.65 5.42
N PRO A 21 0.53 -2.54 5.80
CA PRO A 21 -0.54 -2.03 4.98
C PRO A 21 0.04 -1.58 3.63
N LEU A 22 -0.70 -1.78 2.54
CA LEU A 22 -0.19 -1.46 1.19
C LEU A 22 0.26 -0.01 1.02
N ARG A 23 -0.33 0.93 1.75
CA ARG A 23 0.05 2.31 1.52
C ARG A 23 1.49 2.60 1.95
N PHE A 24 2.08 1.76 2.81
CA PHE A 24 3.50 1.94 3.16
C PHE A 24 4.45 1.03 2.38
N VAL A 25 3.92 0.20 1.49
CA VAL A 25 4.81 -0.67 0.67
C VAL A 25 5.29 0.11 -0.55
N ASN A 26 6.59 0.08 -0.81
CA ASN A 26 7.17 0.79 -1.93
C ASN A 26 7.57 -0.11 -3.08
N TYR A 27 7.75 -1.43 -2.84
CA TYR A 27 8.17 -2.34 -3.91
C TYR A 27 7.32 -3.56 -3.94
N PHE A 28 6.97 -3.99 -5.15
CA PHE A 28 6.11 -5.17 -5.37
C PHE A 28 6.87 -6.11 -6.31
N GLU A 29 6.82 -7.41 -6.03
CA GLU A 29 7.40 -8.46 -6.85
C GLU A 29 6.24 -9.15 -7.62
N LYS A 30 6.40 -9.34 -8.91
CA LYS A 30 5.37 -9.95 -9.80
C LYS A 30 5.51 -11.47 -9.85
N HIS A 31 4.39 -12.20 -9.79
CA HIS A 31 4.35 -13.66 -10.00
C HIS A 31 3.15 -13.98 -10.86
N VAL A 32 3.25 -15.04 -11.65
CA VAL A 32 2.13 -15.54 -12.41
C VAL A 32 1.39 -16.57 -11.51
N ALA A 33 0.08 -16.44 -11.40
CA ALA A 33 -0.66 -17.20 -10.42
C ALA A 33 -2.10 -17.30 -10.92
N GLY A 34 -3.09 -17.31 -10.02
CA GLY A 34 -4.41 -17.79 -10.45
C GLY A 34 -4.59 -19.23 -9.95
N SER A 35 -5.67 -19.51 -9.26
CA SER A 35 -5.85 -20.82 -8.62
C SER A 35 -5.71 -21.99 -9.60
N GLU A 36 -6.38 -21.98 -10.76
CA GLU A 36 -6.24 -23.12 -11.69
C GLU A 36 -4.87 -23.18 -12.39
N LEU A 37 -4.24 -22.04 -12.58
CA LEU A 37 -2.90 -22.07 -13.17
C LEU A 37 -2.00 -22.76 -12.16
N ASN A 38 -2.11 -22.40 -10.88
CA ASN A 38 -1.26 -23.02 -9.86
C ASN A 38 -1.48 -24.52 -9.83
N PHE A 39 -2.74 -24.93 -9.89
CA PHE A 39 -3.10 -26.35 -9.97
C PHE A 39 -2.41 -27.07 -11.16
N CYS A 40 -2.51 -26.52 -12.37
CA CYS A 40 -1.87 -27.07 -13.57
C CYS A 40 -0.38 -27.25 -13.41
N ILE A 41 0.33 -26.27 -12.85
CA ILE A 41 1.78 -26.39 -12.55
C ILE A 41 2.04 -27.62 -11.69
N ALA A 42 1.22 -27.86 -10.66
CA ALA A 42 1.42 -29.07 -9.83
C ALA A 42 1.17 -30.37 -10.60
N VAL A 43 0.18 -30.34 -11.50
CA VAL A 43 -0.13 -31.52 -12.34
C VAL A 43 1.04 -31.85 -13.21
N VAL A 44 1.61 -30.84 -13.87
N VAL A 44 1.61 -30.88 -13.92
CA VAL A 44 2.74 -31.12 -14.77
CA VAL A 44 2.74 -31.25 -14.76
C VAL A 44 4.02 -31.49 -14.02
C VAL A 44 3.99 -31.62 -13.95
N ARG A 45 4.17 -30.98 -12.80
CA ARG A 45 5.33 -31.35 -11.92
C ARG A 45 5.26 -32.81 -11.52
N ASN A 46 4.05 -33.37 -11.55
CA ASN A 46 3.84 -34.79 -11.27
C ASN A 46 3.63 -35.61 -12.51
N HIS A 47 4.03 -35.05 -13.65
CA HIS A 47 4.27 -35.81 -14.89
C HIS A 47 3.05 -36.21 -15.69
N LEU A 48 1.96 -35.47 -15.54
CA LEU A 48 0.78 -35.66 -16.40
C LEU A 48 0.68 -34.46 -17.32
N SER A 49 0.04 -34.62 -18.46
CA SER A 49 -0.19 -33.47 -19.33
C SER A 49 -1.42 -32.72 -18.83
N CYS A 50 -1.40 -31.40 -18.99
CA CYS A 50 -2.42 -30.56 -18.40
C CYS A 50 -2.55 -29.38 -19.35
N SER A 51 -3.78 -29.00 -19.59
CA SER A 51 -4.13 -27.90 -20.47
C SER A 51 -5.06 -26.98 -19.70
N LEU A 52 -4.77 -25.69 -19.76
CA LEU A 52 -5.58 -24.73 -19.08
C LEU A 52 -6.46 -24.03 -20.12
N ILE A 53 -7.77 -24.07 -19.91
CA ILE A 53 -8.71 -23.34 -20.78
C ILE A 53 -9.05 -22.04 -20.07
N ALA A 54 -8.77 -20.93 -20.72
CA ALA A 54 -8.81 -19.63 -20.07
C ALA A 54 -8.79 -18.55 -21.11
N ARG A 55 -9.09 -17.31 -20.70
CA ARG A 55 -8.76 -16.18 -21.56
C ARG A 55 -7.76 -15.28 -20.82
N VAL A 56 -6.97 -14.56 -21.59
CA VAL A 56 -6.12 -13.49 -21.06
C VAL A 56 -6.32 -12.32 -22.03
N GLY A 57 -5.87 -11.14 -21.64
CA GLY A 57 -6.00 -9.96 -22.53
C GLY A 57 -4.88 -9.95 -23.54
N ASN A 58 -5.05 -9.11 -24.59
CA ASN A 58 -4.02 -8.96 -25.62
C ASN A 58 -3.10 -7.89 -25.08
N ASP A 59 -2.29 -8.24 -24.08
CA ASP A 59 -1.49 -7.23 -23.41
C ASP A 59 -0.28 -7.95 -22.83
N GLU A 60 0.69 -7.20 -22.30
CA GLU A 60 1.92 -7.83 -21.83
C GLU A 60 1.70 -8.81 -20.72
N PHE A 61 0.77 -8.51 -19.80
CA PHE A 61 0.50 -9.46 -18.74
C PHE A 61 -0.13 -10.72 -19.29
N GLY A 62 -0.96 -10.64 -20.30
CA GLY A 62 -1.52 -11.91 -20.87
C GLY A 62 -0.41 -12.74 -21.52
N LYS A 63 0.49 -12.10 -22.27
N LYS A 63 0.48 -12.08 -22.25
CA LYS A 63 1.65 -12.79 -22.88
CA LYS A 63 1.63 -12.76 -22.87
C LYS A 63 2.54 -13.39 -21.80
C LYS A 63 2.53 -13.39 -21.80
N ASN A 64 2.72 -12.67 -20.69
CA ASN A 64 3.51 -13.20 -19.54
C ASN A 64 2.91 -14.52 -19.04
N ILE A 65 1.57 -14.55 -18.92
CA ILE A 65 0.88 -15.77 -18.49
C ILE A 65 1.06 -16.96 -19.43
N ILE A 66 0.84 -16.75 -20.72
CA ILE A 66 1.07 -17.83 -21.74
C ILE A 66 2.52 -18.29 -21.80
N GLU A 67 3.47 -17.36 -21.86
CA GLU A 67 4.93 -17.73 -21.90
C GLU A 67 5.37 -18.50 -20.64
N TYR A 68 4.98 -18.00 -19.47
CA TYR A 68 5.24 -18.67 -18.20
C TYR A 68 4.65 -20.09 -18.15
N SER A 69 3.37 -20.23 -18.56
CA SER A 69 2.71 -21.54 -18.59
C SER A 69 3.43 -22.51 -19.54
N ARG A 70 3.80 -22.02 -20.74
CA ARG A 70 4.56 -22.79 -21.74
C ARG A 70 5.94 -23.17 -21.18
N ALA A 71 6.61 -22.24 -20.48
CA ALA A 71 7.90 -22.58 -19.82
C ALA A 71 7.80 -23.79 -18.90
N GLN A 72 6.73 -23.82 -18.11
CA GLN A 72 6.56 -24.85 -17.07
C GLN A 72 5.94 -26.15 -17.60
N GLY A 73 5.68 -26.24 -18.88
CA GLY A 73 5.15 -27.52 -19.47
C GLY A 73 3.62 -27.60 -19.58
N ILE A 74 2.90 -26.53 -19.27
CA ILE A 74 1.45 -26.57 -19.44
C ILE A 74 1.10 -26.37 -20.92
N ASP A 75 0.14 -27.14 -21.44
CA ASP A 75 -0.40 -26.94 -22.79
C ASP A 75 -1.19 -25.64 -22.78
N THR A 76 -0.77 -24.69 -23.61
CA THR A 76 -1.38 -23.39 -23.61
C THR A 76 -2.27 -23.18 -24.83
N SER A 77 -2.55 -24.26 -25.56
CA SER A 77 -3.26 -24.13 -26.87
C SER A 77 -4.69 -23.59 -26.71
N HIS A 78 -5.22 -23.69 -25.49
CA HIS A 78 -6.56 -23.20 -25.17
C HIS A 78 -6.60 -22.02 -24.23
N ILE A 79 -5.46 -21.34 -24.07
CA ILE A 79 -5.42 -20.04 -23.40
C ILE A 79 -5.55 -19.07 -24.54
N LYS A 80 -6.76 -18.47 -24.59
N LYS A 80 -6.73 -18.48 -24.63
CA LYS A 80 -7.23 -17.56 -25.64
CA LYS A 80 -7.08 -17.62 -25.75
C LYS A 80 -6.91 -16.10 -25.34
C LYS A 80 -6.97 -16.13 -25.40
N VAL A 81 -6.40 -15.40 -26.34
CA VAL A 81 -6.15 -13.97 -26.18
C VAL A 81 -7.46 -13.30 -26.54
N ASP A 82 -7.98 -12.45 -25.67
CA ASP A 82 -9.21 -11.75 -25.95
C ASP A 82 -8.90 -10.24 -26.11
N ASN A 83 -9.03 -9.66 -27.32
CA ASN A 83 -8.65 -8.24 -27.48
CA ASN A 83 -8.72 -8.24 -27.56
C ASN A 83 -9.69 -7.27 -26.84
N GLU A 84 -10.83 -7.77 -26.39
CA GLU A 84 -11.87 -6.88 -25.87
CA GLU A 84 -11.88 -6.89 -25.85
C GLU A 84 -11.64 -6.49 -24.39
N SER A 85 -10.69 -7.17 -23.71
CA SER A 85 -10.49 -6.77 -22.31
C SER A 85 -9.08 -7.05 -21.79
N PHE A 86 -8.85 -6.87 -20.49
CA PHE A 86 -7.49 -6.84 -19.98
C PHE A 86 -7.24 -8.06 -19.09
N THR A 87 -5.95 -8.33 -18.80
CA THR A 87 -5.54 -9.39 -17.93
C THR A 87 -5.70 -8.99 -16.48
N GLY A 88 -6.47 -9.77 -15.73
CA GLY A 88 -6.72 -9.42 -14.33
C GLY A 88 -5.49 -9.57 -13.46
N ILE A 89 -5.45 -8.83 -12.33
CA ILE A 89 -4.26 -8.84 -11.46
C ILE A 89 -4.74 -8.67 -10.04
N TYR A 90 -3.85 -8.93 -9.08
CA TYR A 90 -4.20 -8.64 -7.71
C TYR A 90 -2.98 -8.36 -6.90
N PHE A 91 -3.16 -7.69 -5.76
CA PHE A 91 -2.05 -7.34 -4.89
C PHE A 91 -2.28 -8.12 -3.63
N ILE A 92 -1.22 -8.52 -2.95
CA ILE A 92 -1.42 -9.15 -1.66
C ILE A 92 -0.92 -8.22 -0.56
N GLN A 93 -1.75 -7.97 0.46
CA GLN A 93 -1.30 -7.24 1.67
C GLN A 93 -1.00 -8.35 2.67
N ARG A 94 0.22 -8.38 3.16
CA ARG A 94 0.71 -9.46 3.99
C ARG A 94 0.84 -9.05 5.46
N GLY A 95 0.43 -9.91 6.37
CA GLY A 95 0.68 -9.72 7.77
C GLY A 95 0.08 -8.51 8.47
N TYR A 96 -1.01 -7.96 7.95
CA TYR A 96 -1.59 -6.79 8.59
C TYR A 96 -3.04 -6.75 8.20
N PRO A 97 -3.95 -6.71 9.20
CA PRO A 97 -3.60 -6.64 10.64
C PRO A 97 -3.33 -7.98 11.34
N ILE A 98 -3.38 -9.08 10.62
CA ILE A 98 -3.13 -10.41 11.23
C ILE A 98 -1.80 -10.98 10.74
N PRO A 99 -0.78 -11.08 11.60
CA PRO A 99 0.47 -11.65 11.20
C PRO A 99 0.35 -12.98 10.47
N MET A 100 1.20 -13.19 9.46
CA MET A 100 1.28 -14.45 8.72
C MET A 100 0.04 -14.79 7.87
N LYS A 101 -0.89 -13.84 7.74
CA LYS A 101 -2.06 -14.02 6.89
C LYS A 101 -1.98 -13.03 5.69
N SER A 102 -2.53 -13.38 4.54
CA SER A 102 -2.49 -12.56 3.32
C SER A 102 -3.90 -12.16 2.95
N GLU A 103 -4.05 -10.95 2.42
CA GLU A 103 -5.35 -10.45 2.00
C GLU A 103 -5.16 -9.99 0.56
N LEU A 104 -6.11 -10.33 -0.31
CA LEU A 104 -5.94 -10.03 -1.72
C LEU A 104 -6.75 -8.84 -2.13
N VAL A 105 -6.17 -7.97 -2.93
CA VAL A 105 -6.87 -6.79 -3.44
C VAL A 105 -6.90 -6.91 -4.96
N TYR A 106 -8.09 -7.10 -5.52
CA TYR A 106 -8.25 -7.55 -6.89
C TYR A 106 -8.48 -6.38 -7.83
N TYR A 107 -7.95 -6.48 -9.05
CA TYR A 107 -8.29 -5.56 -10.12
C TYR A 107 -8.62 -6.50 -11.29
N ARG A 108 -9.82 -7.04 -11.28
CA ARG A 108 -10.15 -8.16 -12.18
C ARG A 108 -11.59 -8.02 -12.73
N LYS A 109 -12.29 -6.96 -12.32
CA LYS A 109 -13.67 -6.79 -12.75
C LYS A 109 -13.81 -6.61 -14.25
N GLY A 110 -14.58 -7.46 -14.91
CA GLY A 110 -14.72 -7.32 -16.39
C GLY A 110 -13.46 -7.66 -17.15
N SER A 111 -12.55 -8.42 -16.49
CA SER A 111 -11.31 -8.84 -17.13
C SER A 111 -11.55 -9.81 -18.30
N ALA A 112 -10.54 -9.96 -19.16
CA ALA A 112 -10.55 -10.99 -20.20
C ALA A 112 -10.85 -12.38 -19.62
N GLY A 113 -10.24 -12.72 -18.49
CA GLY A 113 -10.40 -14.05 -17.89
C GLY A 113 -11.87 -14.27 -17.49
N SER A 114 -12.57 -13.21 -17.05
CA SER A 114 -13.96 -13.37 -16.61
C SER A 114 -14.89 -13.66 -17.81
N ARG A 115 -14.38 -13.59 -19.04
CA ARG A 115 -15.21 -13.78 -20.25
C ARG A 115 -15.10 -15.23 -20.76
N LEU A 116 -14.35 -16.08 -20.04
CA LEU A 116 -14.39 -17.54 -20.29
C LEU A 116 -15.88 -17.93 -20.47
N SER A 117 -16.24 -18.64 -21.52
CA SER A 117 -17.63 -18.96 -21.73
C SER A 117 -17.80 -20.35 -22.36
N PRO A 118 -19.05 -20.88 -22.42
CA PRO A 118 -19.28 -22.22 -23.01
C PRO A 118 -18.72 -22.33 -24.42
N GLU A 119 -18.73 -21.25 -25.21
N GLU A 119 -18.72 -21.20 -25.12
CA GLU A 119 -18.13 -21.32 -26.57
CA GLU A 119 -18.20 -21.10 -26.47
C GLU A 119 -16.68 -21.80 -26.54
C GLU A 119 -16.69 -21.47 -26.59
N ASP A 120 -15.97 -21.46 -25.46
CA ASP A 120 -14.54 -21.86 -25.34
C ASP A 120 -14.36 -23.33 -25.02
N ILE A 121 -15.47 -24.04 -24.78
CA ILE A 121 -15.41 -25.44 -24.37
C ILE A 121 -15.83 -26.34 -25.55
N ASN A 122 -14.86 -27.03 -26.16
CA ASN A 122 -15.12 -27.96 -27.27
C ASN A 122 -15.43 -29.37 -26.77
N GLU A 123 -16.58 -29.91 -27.20
CA GLU A 123 -17.04 -31.22 -26.78
C GLU A 123 -15.98 -32.30 -27.01
N ASN A 124 -15.43 -32.38 -28.22
CA ASN A 124 -14.44 -33.40 -28.54
C ASN A 124 -13.19 -33.29 -27.69
N TYR A 125 -12.65 -32.08 -27.58
CA TYR A 125 -11.46 -31.86 -26.77
C TYR A 125 -11.66 -32.32 -25.32
N VAL A 126 -12.76 -31.91 -24.71
CA VAL A 126 -13.03 -32.25 -23.30
C VAL A 126 -13.25 -33.76 -23.12
N ARG A 127 -13.99 -34.40 -24.04
CA ARG A 127 -14.27 -35.83 -23.94
C ARG A 127 -13.04 -36.68 -24.05
N ASN A 128 -12.02 -36.16 -24.74
CA ASN A 128 -10.72 -36.83 -24.80
C ASN A 128 -9.80 -36.72 -23.56
N SER A 129 -10.19 -36.03 -22.49
CA SER A 129 -9.31 -35.94 -21.34
C SER A 129 -9.71 -36.95 -20.29
N ARG A 130 -8.81 -37.24 -19.35
CA ARG A 130 -9.18 -38.11 -18.28
C ARG A 130 -9.96 -37.42 -17.15
N LEU A 131 -9.69 -36.12 -16.93
CA LEU A 131 -10.33 -35.43 -15.83
C LEU A 131 -10.40 -33.93 -16.12
N VAL A 132 -11.51 -33.31 -15.74
CA VAL A 132 -11.66 -31.84 -15.77
C VAL A 132 -11.73 -31.29 -14.35
N HIS A 133 -10.96 -30.21 -14.09
CA HIS A 133 -10.93 -29.58 -12.78
C HIS A 133 -11.39 -28.08 -12.85
N SER A 134 -12.12 -27.60 -11.86
CA SER A 134 -12.28 -26.14 -11.70
C SER A 134 -12.47 -25.83 -10.23
N THR A 135 -12.79 -24.58 -9.88
CA THR A 135 -12.89 -24.20 -8.47
C THR A 135 -14.08 -23.27 -8.28
N GLY A 136 -14.40 -22.95 -7.03
CA GLY A 136 -15.51 -21.99 -6.78
C GLY A 136 -15.11 -20.58 -7.21
N ILE A 137 -13.81 -20.32 -7.46
CA ILE A 137 -13.42 -18.98 -7.97
C ILE A 137 -13.95 -18.76 -9.38
N THR A 138 -13.72 -19.73 -10.24
CA THR A 138 -14.27 -19.72 -11.60
C THR A 138 -15.78 -19.66 -11.65
N LEU A 139 -16.45 -20.36 -10.72
CA LEU A 139 -17.90 -20.27 -10.60
C LEU A 139 -18.38 -18.85 -10.24
N ALA A 140 -17.54 -18.08 -9.51
CA ALA A 140 -17.87 -16.75 -9.02
C ALA A 140 -17.62 -15.68 -10.07
N ILE A 141 -16.66 -15.89 -10.98
CA ILE A 141 -16.18 -14.70 -11.74
C ILE A 141 -17.16 -14.07 -12.72
N SER A 142 -18.09 -14.88 -13.25
CA SER A 142 -19.17 -14.37 -14.09
C SER A 142 -20.15 -15.54 -14.34
N ASP A 143 -21.37 -15.22 -14.78
CA ASP A 143 -22.34 -16.25 -15.12
CA ASP A 143 -22.38 -16.21 -15.16
C ASP A 143 -21.82 -17.07 -16.29
N ASN A 144 -21.18 -16.43 -17.26
CA ASN A 144 -20.65 -17.24 -18.41
C ASN A 144 -19.48 -18.19 -18.04
N ALA A 145 -18.60 -17.78 -17.13
CA ALA A 145 -17.58 -18.70 -16.58
C ALA A 145 -18.21 -19.87 -15.86
N LYS A 146 -19.18 -19.59 -14.98
CA LYS A 146 -19.92 -20.67 -14.32
C LYS A 146 -20.55 -21.60 -15.35
N GLU A 147 -21.17 -21.06 -16.41
CA GLU A 147 -21.72 -21.92 -17.49
C GLU A 147 -20.68 -22.70 -18.26
N ALA A 148 -19.46 -22.16 -18.38
CA ALA A 148 -18.36 -22.91 -18.98
C ALA A 148 -18.03 -24.16 -18.14
N VAL A 149 -18.06 -24.00 -16.84
CA VAL A 149 -17.72 -25.11 -15.94
C VAL A 149 -18.82 -26.16 -16.03
N ILE A 150 -20.06 -25.72 -16.06
CA ILE A 150 -21.19 -26.64 -16.14
C ILE A 150 -21.10 -27.45 -17.41
N LYS A 151 -20.73 -26.81 -18.51
CA LYS A 151 -20.63 -27.50 -19.77
C LYS A 151 -19.47 -28.48 -19.76
N ALA A 152 -18.32 -28.06 -19.23
CA ALA A 152 -17.16 -28.92 -19.22
C ALA A 152 -17.48 -30.10 -18.31
N PHE A 153 -18.17 -29.87 -17.17
CA PHE A 153 -18.44 -30.99 -16.24
C PHE A 153 -19.40 -32.01 -16.87
N GLU A 154 -20.28 -31.54 -17.78
CA GLU A 154 -21.27 -32.44 -18.43
C GLU A 154 -20.57 -33.37 -19.40
N LEU A 155 -19.52 -32.87 -20.03
CA LEU A 155 -18.73 -33.59 -21.01
C LEU A 155 -17.64 -34.48 -20.42
N ALA A 156 -17.22 -34.21 -19.18
CA ALA A 156 -16.03 -34.83 -18.58
C ALA A 156 -16.19 -36.31 -18.27
N LYS A 157 -15.09 -37.06 -18.39
CA LYS A 157 -15.04 -38.45 -17.99
C LYS A 157 -15.04 -38.53 -16.47
N SER A 158 -14.33 -37.60 -15.83
CA SER A 158 -14.29 -37.50 -14.37
C SER A 158 -14.01 -36.04 -13.98
N ARG A 159 -14.27 -35.71 -12.71
CA ARG A 159 -14.19 -34.31 -12.28
C ARG A 159 -13.51 -34.12 -10.97
N SER A 160 -12.88 -32.96 -10.85
CA SER A 160 -12.38 -32.50 -9.58
CA SER A 160 -12.39 -32.50 -9.59
C SER A 160 -12.86 -31.08 -9.38
N LEU A 161 -13.08 -30.72 -8.13
CA LEU A 161 -13.58 -29.38 -7.77
CA LEU A 161 -13.50 -29.37 -7.83
C LEU A 161 -12.91 -28.95 -6.49
N ASP A 162 -12.39 -27.72 -6.43
CA ASP A 162 -11.96 -27.14 -5.19
C ASP A 162 -13.02 -26.12 -4.82
N THR A 163 -13.60 -26.18 -3.60
CA THR A 163 -14.71 -25.28 -3.29
C THR A 163 -14.23 -23.81 -3.27
N ASN A 164 -13.03 -23.56 -2.73
CA ASN A 164 -12.39 -22.24 -2.68
C ASN A 164 -13.39 -21.10 -2.71
N ILE A 165 -14.13 -20.91 -1.63
CA ILE A 165 -15.06 -19.78 -1.52
C ILE A 165 -14.27 -18.53 -1.08
N ARG A 166 -14.17 -17.55 -1.98
CA ARG A 166 -13.62 -16.22 -1.67
C ARG A 166 -14.77 -15.23 -1.57
N PRO A 167 -15.28 -14.93 -0.35
CA PRO A 167 -16.46 -14.09 -0.20
C PRO A 167 -16.48 -12.81 -1.00
N LYS A 168 -15.32 -12.18 -1.20
CA LYS A 168 -15.25 -10.93 -1.97
C LYS A 168 -15.67 -11.07 -3.40
N LEU A 169 -15.60 -12.29 -3.92
CA LEU A 169 -15.94 -12.51 -5.34
C LEU A 169 -17.43 -12.78 -5.60
N TRP A 170 -18.22 -12.89 -4.55
CA TRP A 170 -19.63 -13.28 -4.64
C TRP A 170 -20.55 -12.16 -4.12
N SER A 171 -21.75 -12.07 -4.68
CA SER A 171 -22.71 -11.06 -4.20
C SER A 171 -23.21 -11.38 -2.77
N SER A 172 -23.21 -12.68 -2.41
CA SER A 172 -23.56 -13.06 -1.06
C SER A 172 -23.01 -14.45 -0.86
N LEU A 173 -22.83 -14.83 0.39
CA LEU A 173 -22.47 -16.22 0.72
C LEU A 173 -23.53 -17.22 0.28
N GLU A 174 -24.81 -16.82 0.33
CA GLU A 174 -25.89 -17.69 -0.11
C GLU A 174 -25.67 -18.00 -1.59
N LYS A 175 -25.33 -16.98 -2.38
CA LYS A 175 -25.08 -17.20 -3.81
C LYS A 175 -23.92 -18.25 -4.03
N ALA A 176 -22.85 -18.12 -3.28
CA ALA A 176 -21.71 -19.06 -3.36
C ALA A 176 -22.20 -20.46 -2.99
N LYS A 177 -22.91 -20.54 -1.87
CA LYS A 177 -23.41 -21.83 -1.41
C LYS A 177 -24.29 -22.47 -2.45
N GLU A 178 -25.28 -21.73 -2.97
CA GLU A 178 -26.26 -22.22 -3.97
CA GLU A 178 -26.17 -22.42 -3.85
C GLU A 178 -25.51 -22.72 -5.21
N THR A 179 -24.58 -21.93 -5.66
CA THR A 179 -23.93 -22.24 -6.90
C THR A 179 -23.05 -23.52 -6.74
N ILE A 180 -22.31 -23.61 -5.64
CA ILE A 180 -21.43 -24.75 -5.44
C ILE A 180 -22.23 -26.02 -5.15
N LEU A 181 -23.25 -25.94 -4.26
CA LEU A 181 -24.11 -27.12 -4.00
C LEU A 181 -24.77 -27.67 -5.23
N SER A 182 -25.10 -26.77 -6.14
CA SER A 182 -25.80 -27.12 -7.33
C SER A 182 -24.91 -27.98 -8.24
N ILE A 183 -23.63 -27.64 -8.28
CA ILE A 183 -22.66 -28.41 -9.04
C ILE A 183 -22.57 -29.80 -8.38
N LEU A 184 -22.49 -29.85 -7.06
CA LEU A 184 -22.41 -31.13 -6.31
C LEU A 184 -23.65 -31.99 -6.49
N LYS A 185 -24.82 -31.39 -6.62
CA LYS A 185 -26.01 -32.17 -6.87
CA LYS A 185 -26.09 -32.09 -6.93
C LYS A 185 -26.06 -32.69 -8.34
N LYS A 186 -25.63 -31.90 -9.32
CA LYS A 186 -25.70 -32.34 -10.70
CA LYS A 186 -25.67 -32.29 -10.72
C LYS A 186 -24.64 -33.41 -11.07
N TYR A 187 -23.47 -33.40 -10.44
CA TYR A 187 -22.38 -34.24 -10.93
C TYR A 187 -21.75 -35.11 -9.88
N ASP A 188 -21.26 -36.29 -10.26
CA ASP A 188 -20.36 -37.05 -9.41
C ASP A 188 -19.05 -36.26 -9.40
N ILE A 189 -18.41 -36.16 -8.25
CA ILE A 189 -17.10 -35.51 -8.15
C ILE A 189 -16.10 -36.55 -7.66
N GLU A 190 -15.06 -36.82 -8.44
N GLU A 190 -15.08 -36.82 -8.46
CA GLU A 190 -14.08 -37.87 -8.10
CA GLU A 190 -14.10 -37.83 -8.13
C GLU A 190 -13.12 -37.39 -7.01
C GLU A 190 -13.32 -37.33 -6.92
N VAL A 191 -12.78 -36.10 -7.02
CA VAL A 191 -12.01 -35.50 -5.94
C VAL A 191 -12.54 -34.12 -5.60
N LEU A 192 -13.01 -33.97 -4.37
CA LEU A 192 -13.40 -32.66 -3.85
C LEU A 192 -12.36 -32.22 -2.87
N ILE A 193 -11.85 -31.00 -3.08
CA ILE A 193 -10.90 -30.37 -2.18
C ILE A 193 -11.65 -29.25 -1.47
N THR A 194 -11.56 -29.21 -0.14
CA THR A 194 -12.30 -28.21 0.59
C THR A 194 -11.65 -28.03 1.94
N ASP A 195 -12.27 -27.25 2.82
CA ASP A 195 -11.75 -26.95 4.13
C ASP A 195 -12.92 -26.66 5.05
N PRO A 196 -12.65 -26.54 6.39
CA PRO A 196 -13.70 -26.24 7.35
C PRO A 196 -14.47 -24.93 7.07
N ASP A 197 -13.83 -23.84 6.65
CA ASP A 197 -14.58 -22.59 6.39
C ASP A 197 -15.60 -22.75 5.26
N ASP A 198 -15.19 -23.39 4.16
CA ASP A 198 -16.10 -23.64 3.01
C ASP A 198 -17.19 -24.65 3.39
N THR A 199 -16.81 -25.66 4.16
CA THR A 199 -17.78 -26.67 4.52
C THR A 199 -18.82 -26.18 5.54
N LYS A 200 -18.39 -25.31 6.44
CA LYS A 200 -19.36 -24.69 7.34
C LYS A 200 -20.44 -23.98 6.48
N ILE A 201 -20.01 -23.26 5.45
CA ILE A 201 -20.95 -22.61 4.52
C ILE A 201 -21.80 -23.59 3.72
N LEU A 202 -21.18 -24.60 3.12
CA LEU A 202 -21.94 -25.45 2.21
C LEU A 202 -22.86 -26.40 2.99
N LEU A 203 -22.37 -26.91 4.13
CA LEU A 203 -23.03 -27.98 4.87
C LEU A 203 -23.37 -27.69 6.33
N ASP A 204 -22.92 -26.56 6.87
CA ASP A 204 -23.06 -26.33 8.32
C ASP A 204 -22.40 -27.41 9.18
N VAL A 205 -21.27 -27.92 8.71
CA VAL A 205 -20.49 -28.94 9.37
C VAL A 205 -19.02 -28.48 9.30
N THR A 206 -18.25 -28.71 10.35
CA THR A 206 -16.77 -28.50 10.26
C THR A 206 -15.97 -29.77 10.58
N ASP A 207 -16.57 -30.68 11.35
CA ASP A 207 -15.94 -31.93 11.72
C ASP A 207 -15.53 -32.70 10.45
N PRO A 208 -14.23 -33.02 10.32
CA PRO A 208 -13.86 -33.73 9.10
C PRO A 208 -14.59 -35.05 8.86
N ASP A 209 -14.76 -35.88 9.88
CA ASP A 209 -15.38 -37.19 9.61
C ASP A 209 -16.83 -37.00 9.12
N GLU A 210 -17.53 -36.08 9.76
CA GLU A 210 -18.92 -35.78 9.36
C GLU A 210 -18.96 -35.13 8.00
N ALA A 211 -18.00 -34.22 7.71
CA ALA A 211 -17.88 -33.64 6.31
C ALA A 211 -17.78 -34.75 5.24
N TYR A 212 -16.89 -35.73 5.45
CA TYR A 212 -16.81 -36.86 4.52
C TYR A 212 -18.15 -37.52 4.31
N ARG A 213 -18.82 -37.92 5.42
CA ARG A 213 -20.12 -38.54 5.32
CA ARG A 213 -20.12 -38.56 5.31
C ARG A 213 -21.10 -37.73 4.48
N LYS A 214 -21.20 -36.44 4.78
CA LYS A 214 -22.16 -35.60 4.02
C LYS A 214 -21.75 -35.43 2.55
N TYR A 215 -20.46 -35.21 2.26
CA TYR A 215 -20.01 -35.10 0.87
C TYR A 215 -20.12 -36.41 0.11
N LYS A 216 -19.81 -37.52 0.79
CA LYS A 216 -20.00 -38.86 0.17
C LYS A 216 -21.49 -39.03 -0.23
N GLU A 217 -22.41 -38.55 0.61
CA GLU A 217 -23.88 -38.62 0.31
C GLU A 217 -24.24 -37.76 -0.90
N LEU A 218 -23.39 -36.78 -1.26
CA LEU A 218 -23.63 -35.88 -2.43
C LEU A 218 -23.02 -36.38 -3.75
N GLY A 219 -22.33 -37.51 -3.68
CA GLY A 219 -21.67 -38.16 -4.80
C GLY A 219 -20.17 -37.93 -4.94
N VAL A 220 -19.49 -37.48 -3.88
CA VAL A 220 -18.02 -37.25 -3.91
C VAL A 220 -17.37 -38.58 -3.59
N LYS A 221 -16.37 -38.95 -4.37
CA LYS A 221 -15.63 -40.22 -4.16
C LYS A 221 -14.48 -40.03 -3.18
N VAL A 222 -13.58 -39.08 -3.49
CA VAL A 222 -12.45 -38.79 -2.63
C VAL A 222 -12.64 -37.37 -2.06
N LEU A 223 -12.49 -37.20 -0.76
CA LEU A 223 -12.52 -35.88 -0.15
C LEU A 223 -11.11 -35.55 0.32
N LEU A 224 -10.56 -34.42 -0.15
CA LEU A 224 -9.37 -33.88 0.45
C LEU A 224 -9.75 -32.69 1.35
N TYR A 225 -9.45 -32.78 2.64
CA TYR A 225 -9.89 -31.79 3.63
C TYR A 225 -8.71 -31.10 4.28
N LYS A 226 -8.51 -29.80 3.95
CA LYS A 226 -7.33 -29.03 4.31
C LYS A 226 -7.49 -28.42 5.68
N LEU A 227 -6.59 -28.74 6.60
CA LEU A 227 -6.66 -28.12 7.94
C LEU A 227 -5.52 -27.11 8.25
N GLY A 228 -4.83 -26.62 7.21
CA GLY A 228 -3.77 -25.64 7.36
C GLY A 228 -2.71 -26.16 8.29
N SER A 229 -2.54 -25.44 9.39
CA SER A 229 -1.43 -25.75 10.30
C SER A 229 -1.64 -27.03 11.11
N LYS A 230 -2.86 -27.60 11.03
N LYS A 230 -2.85 -27.61 11.01
CA LYS A 230 -3.16 -28.90 11.63
CA LYS A 230 -3.14 -28.89 11.64
C LYS A 230 -3.18 -30.03 10.56
C LYS A 230 -2.93 -30.08 10.66
N GLY A 231 -2.55 -29.79 9.41
CA GLY A 231 -2.40 -30.85 8.40
C GLY A 231 -3.50 -30.95 7.38
N ALA A 232 -3.67 -32.15 6.79
CA ALA A 232 -4.83 -32.38 5.89
C ALA A 232 -5.25 -33.83 6.06
N ILE A 233 -6.46 -34.17 5.61
CA ILE A 233 -7.00 -35.54 5.72
C ILE A 233 -7.59 -35.86 4.37
N ALA A 234 -7.42 -37.08 3.91
CA ALA A 234 -8.05 -37.56 2.69
C ALA A 234 -8.94 -38.75 3.06
N TYR A 235 -10.07 -38.91 2.36
CA TYR A 235 -11.04 -39.99 2.60
C TYR A 235 -11.31 -40.62 1.26
N LYS A 236 -11.35 -41.94 1.22
CA LYS A 236 -11.89 -42.65 0.07
C LYS A 236 -12.47 -43.99 0.58
N ASP A 237 -13.71 -44.31 0.17
CA ASP A 237 -14.37 -45.60 0.52
C ASP A 237 -14.26 -45.92 2.02
N ASN A 238 -14.67 -45.00 2.87
CA ASN A 238 -14.65 -45.23 4.32
C ASN A 238 -13.29 -45.45 4.99
N VAL A 239 -12.23 -44.98 4.32
CA VAL A 239 -10.87 -45.07 4.83
C VAL A 239 -10.39 -43.62 4.93
N LYS A 240 -9.81 -43.26 6.07
CA LYS A 240 -9.26 -41.95 6.35
C LYS A 240 -7.71 -42.05 6.33
N ALA A 241 -7.03 -41.01 5.83
CA ALA A 241 -5.55 -40.88 5.89
C ALA A 241 -5.32 -39.48 6.40
N PHE A 242 -4.51 -39.34 7.45
CA PHE A 242 -4.21 -38.04 8.04
C PHE A 242 -2.72 -37.77 7.84
N LYS A 243 -2.35 -36.54 7.51
CA LYS A 243 -0.95 -36.15 7.53
C LYS A 243 -0.79 -34.80 8.19
N ASP A 244 0.06 -34.75 9.18
CA ASP A 244 0.25 -33.53 9.94
C ASP A 244 1.06 -32.52 9.13
N ALA A 245 0.87 -31.25 9.43
CA ALA A 245 1.67 -30.19 8.78
C ALA A 245 3.07 -30.14 9.41
N TYR A 246 3.98 -29.47 8.69
CA TYR A 246 5.32 -29.18 9.11
C TYR A 246 5.40 -27.73 9.50
N LYS A 247 6.28 -27.44 10.45
CA LYS A 247 6.47 -26.11 10.92
C LYS A 247 7.59 -25.46 10.09
N VAL A 248 7.23 -24.44 9.30
CA VAL A 248 8.17 -23.63 8.53
C VAL A 248 7.71 -22.17 8.68
N PRO A 249 8.64 -21.21 8.48
CA PRO A 249 8.26 -19.78 8.44
C PRO A 249 7.35 -19.50 7.24
N VAL A 250 6.26 -18.79 7.48
CA VAL A 250 5.31 -18.49 6.48
C VAL A 250 5.66 -17.14 5.86
N GLU A 251 6.03 -17.18 4.56
CA GLU A 251 6.25 -15.94 3.80
C GLU A 251 4.91 -15.55 3.16
N ASP A 252 4.28 -16.48 2.42
CA ASP A 252 2.96 -16.21 1.83
C ASP A 252 2.27 -17.54 1.59
N PRO A 253 1.13 -17.79 2.25
CA PRO A 253 0.38 -19.03 2.00
C PRO A 253 -0.48 -19.04 0.75
N THR A 254 -0.55 -17.92 0.02
CA THR A 254 -1.47 -17.86 -1.13
C THR A 254 -1.10 -18.94 -2.15
N GLY A 255 -2.08 -19.76 -2.54
CA GLY A 255 -1.80 -20.76 -3.59
C GLY A 255 -1.27 -22.08 -3.03
N ALA A 256 -1.00 -22.14 -1.71
CA ALA A 256 -0.55 -23.43 -1.12
C ALA A 256 -1.59 -24.54 -1.24
N GLY A 257 -2.86 -24.20 -1.16
CA GLY A 257 -3.96 -25.14 -1.40
C GLY A 257 -4.01 -25.68 -2.83
N ASP A 258 -3.71 -24.80 -3.80
CA ASP A 258 -3.68 -25.21 -5.18
C ASP A 258 -2.54 -26.17 -5.44
N ALA A 259 -1.38 -25.93 -4.85
CA ALA A 259 -0.22 -26.86 -4.95
C ALA A 259 -0.64 -28.20 -4.35
N MET A 260 -1.25 -28.16 -3.17
CA MET A 260 -1.71 -29.40 -2.55
C MET A 260 -2.72 -30.13 -3.43
N ALA A 261 -3.74 -29.42 -3.92
CA ALA A 261 -4.80 -30.01 -4.75
C ALA A 261 -4.29 -30.59 -6.05
N GLY A 262 -3.50 -29.83 -6.82
CA GLY A 262 -2.99 -30.33 -8.11
C GLY A 262 -2.07 -31.55 -7.93
N THR A 263 -1.32 -31.55 -6.84
CA THR A 263 -0.38 -32.62 -6.57
C THR A 263 -1.22 -33.85 -6.18
N PHE A 264 -2.16 -33.66 -5.24
CA PHE A 264 -2.96 -34.79 -4.79
C PHE A 264 -3.70 -35.40 -5.99
N VAL A 265 -4.38 -34.56 -6.75
CA VAL A 265 -5.17 -35.10 -7.88
C VAL A 265 -4.31 -35.77 -8.98
N SER A 266 -3.18 -35.16 -9.34
CA SER A 266 -2.39 -35.80 -10.40
C SER A 266 -1.78 -37.15 -9.97
N LEU A 267 -1.40 -37.26 -8.69
CA LEU A 267 -0.92 -38.56 -8.18
C LEU A 267 -2.04 -39.59 -8.11
N TYR A 268 -3.19 -39.17 -7.61
CA TYR A 268 -4.33 -40.05 -7.51
C TYR A 268 -4.71 -40.61 -8.87
N LEU A 269 -4.80 -39.73 -9.83
CA LEU A 269 -5.07 -40.11 -11.22
C LEU A 269 -4.10 -41.15 -11.76
N GLN A 270 -2.83 -41.11 -11.32
CA GLN A 270 -1.78 -42.02 -11.79
C GLN A 270 -1.77 -43.34 -11.07
N GLY A 271 -2.65 -43.51 -10.09
CA GLY A 271 -2.79 -44.78 -9.41
C GLY A 271 -2.17 -44.80 -8.04
N LYS A 272 -1.68 -43.66 -7.55
CA LYS A 272 -1.13 -43.61 -6.20
C LYS A 272 -2.27 -43.68 -5.18
N ASP A 273 -2.01 -44.29 -4.02
CA ASP A 273 -3.05 -44.37 -2.99
C ASP A 273 -3.30 -43.01 -2.31
N ILE A 274 -4.36 -42.89 -1.52
CA ILE A 274 -4.63 -41.59 -0.92
C ILE A 274 -3.56 -41.16 0.10
N GLU A 275 -2.96 -42.12 0.81
N GLU A 275 -2.96 -42.14 0.77
CA GLU A 275 -1.89 -41.82 1.80
CA GLU A 275 -1.92 -41.89 1.76
C GLU A 275 -0.67 -41.19 1.12
C GLU A 275 -0.69 -41.22 1.13
N TYR A 276 -0.22 -41.80 0.04
CA TYR A 276 0.91 -41.25 -0.73
C TYR A 276 0.55 -39.88 -1.38
N SER A 277 -0.57 -39.79 -2.06
CA SER A 277 -0.99 -38.51 -2.67
C SER A 277 -1.17 -37.41 -1.63
N LEU A 278 -1.72 -37.76 -0.46
CA LEU A 278 -1.87 -36.77 0.63
C LEU A 278 -0.51 -36.30 1.13
N ALA A 279 0.44 -37.22 1.37
CA ALA A 279 1.75 -36.82 1.93
C ALA A 279 2.46 -35.92 0.91
N HIS A 280 2.37 -36.24 -0.37
CA HIS A 280 2.95 -35.39 -1.43
C HIS A 280 2.28 -33.99 -1.50
N GLY A 281 0.95 -33.93 -1.31
CA GLY A 281 0.23 -32.64 -1.34
C GLY A 281 0.70 -31.78 -0.18
N ILE A 282 0.92 -32.42 0.96
CA ILE A 282 1.42 -31.70 2.13
C ILE A 282 2.86 -31.16 1.92
N ALA A 283 3.71 -31.98 1.29
CA ALA A 283 5.05 -31.53 0.87
C ALA A 283 4.96 -30.31 -0.02
N ALA A 284 4.05 -30.34 -0.98
CA ALA A 284 3.95 -29.25 -1.96
C ALA A 284 3.48 -27.99 -1.24
N SER A 285 2.42 -28.06 -0.42
CA SER A 285 1.96 -26.87 0.31
CA SER A 285 1.95 -26.91 0.35
C SER A 285 3.03 -26.34 1.26
N THR A 286 3.79 -27.24 1.92
CA THR A 286 4.83 -26.79 2.83
C THR A 286 5.86 -25.93 2.07
N LEU A 287 6.35 -26.43 0.95
CA LEU A 287 7.39 -25.67 0.24
C LEU A 287 6.88 -24.28 -0.26
N VAL A 288 5.68 -24.22 -0.85
CA VAL A 288 5.08 -22.96 -1.42
CA VAL A 288 5.28 -22.92 -1.44
C VAL A 288 4.95 -21.84 -0.37
N ILE A 289 4.61 -22.21 0.84
CA ILE A 289 4.35 -21.16 1.81
C ILE A 289 5.63 -20.48 2.30
N THR A 290 6.79 -21.08 2.04
CA THR A 290 8.04 -20.49 2.53
C THR A 290 8.49 -19.27 1.66
N VAL A 291 7.88 -19.07 0.49
CA VAL A 291 8.26 -17.93 -0.37
C VAL A 291 7.01 -17.10 -0.83
N ARG A 292 7.23 -15.93 -1.46
CA ARG A 292 6.18 -15.07 -1.92
C ARG A 292 5.48 -15.68 -3.15
N GLY A 293 6.19 -16.40 -4.01
CA GLY A 293 5.48 -16.94 -5.18
C GLY A 293 4.53 -18.07 -4.80
N ASP A 294 3.60 -18.41 -5.69
CA ASP A 294 2.62 -19.46 -5.40
C ASP A 294 3.09 -20.82 -5.90
N ASN A 295 3.89 -20.85 -6.98
CA ASN A 295 4.09 -22.16 -7.69
C ASN A 295 5.47 -22.55 -8.14
N GLU A 296 6.41 -21.62 -8.09
CA GLU A 296 7.82 -21.91 -8.39
C GLU A 296 8.40 -23.05 -7.53
N LEU A 297 7.97 -23.11 -6.24
CA LEU A 297 8.52 -24.18 -5.33
C LEU A 297 7.67 -25.43 -5.27
N THR A 298 6.61 -25.51 -6.07
CA THR A 298 5.83 -26.75 -6.16
C THR A 298 6.76 -27.88 -6.65
N PRO A 299 6.94 -28.96 -5.84
CA PRO A 299 7.94 -29.97 -6.20
C PRO A 299 7.49 -30.98 -7.21
N THR A 300 8.45 -31.52 -7.93
CA THR A 300 8.17 -32.66 -8.75
C THR A 300 7.93 -33.82 -7.79
N LEU A 301 7.43 -34.90 -8.35
CA LEU A 301 7.15 -36.12 -7.58
C LEU A 301 8.42 -36.60 -6.83
N GLU A 302 9.55 -36.53 -7.51
CA GLU A 302 10.78 -37.06 -6.98
C GLU A 302 11.34 -36.13 -5.91
N ASP A 303 11.18 -34.84 -6.07
CA ASP A 303 11.62 -33.89 -5.03
C ASP A 303 10.67 -33.99 -3.81
N ALA A 304 9.38 -34.21 -4.02
CA ALA A 304 8.46 -34.37 -2.90
C ALA A 304 8.82 -35.64 -2.11
N GLU A 305 9.18 -36.74 -2.80
CA GLU A 305 9.69 -37.93 -2.08
C GLU A 305 10.94 -37.62 -1.29
N ARG A 306 11.88 -36.86 -1.87
CA ARG A 306 13.01 -36.42 -1.06
C ARG A 306 12.55 -35.65 0.19
N PHE A 307 11.71 -34.64 0.02
CA PHE A 307 11.19 -33.89 1.16
C PHE A 307 10.65 -34.85 2.24
N LEU A 308 9.80 -35.77 1.80
CA LEU A 308 9.18 -36.68 2.78
C LEU A 308 10.16 -37.61 3.49
N ASN A 309 11.13 -38.15 2.74
CA ASN A 309 12.18 -38.99 3.32
C ASN A 309 13.20 -38.26 4.18
N GLU A 310 13.41 -36.95 3.98
CA GLU A 310 14.50 -36.27 4.64
C GLU A 310 14.11 -35.14 5.57
N PHE A 311 12.97 -34.49 5.34
CA PHE A 311 12.67 -33.31 6.15
C PHE A 311 12.10 -33.70 7.54
N LYS A 312 12.67 -33.23 8.66
CA LYS A 312 11.83 -33.23 9.91
C LYS A 312 11.82 -31.98 10.84
N VAL B 2 -8.27 29.48 -1.26
CA VAL B 2 -7.10 28.80 -1.88
C VAL B 2 -6.64 29.47 -3.17
N ASP B 3 -5.34 29.47 -3.43
CA ASP B 3 -4.89 30.13 -4.64
C ASP B 3 -5.38 29.37 -5.90
N VAL B 4 -5.11 28.05 -5.93
CA VAL B 4 -5.35 27.23 -7.13
C VAL B 4 -6.23 26.06 -6.78
N ILE B 5 -7.23 25.82 -7.59
CA ILE B 5 -7.97 24.57 -7.47
C ILE B 5 -7.69 23.74 -8.73
N ALA B 6 -7.36 22.45 -8.54
CA ALA B 6 -7.18 21.55 -9.69
C ALA B 6 -8.24 20.44 -9.58
N LEU B 7 -8.76 19.99 -10.73
CA LEU B 7 -9.77 18.95 -10.75
C LEU B 7 -9.15 17.79 -11.49
N GLY B 8 -9.25 16.60 -10.93
CA GLY B 8 -8.60 15.49 -11.65
C GLY B 8 -8.69 14.17 -10.93
N GLU B 9 -7.98 13.18 -11.44
CA GLU B 9 -8.02 11.85 -10.83
C GLU B 9 -6.59 11.48 -10.45
N PRO B 10 -6.30 11.49 -9.15
CA PRO B 10 -4.99 11.07 -8.69
C PRO B 10 -4.93 9.55 -8.84
N LEU B 11 -3.72 9.01 -9.00
CA LEU B 11 -3.52 7.60 -9.27
C LEU B 11 -2.26 7.07 -8.62
N ILE B 12 -2.23 5.75 -8.45
CA ILE B 12 -0.99 5.09 -7.98
C ILE B 12 -0.28 4.63 -9.21
N GLN B 13 1.01 4.96 -9.32
CA GLN B 13 1.81 4.58 -10.47
C GLN B 13 2.75 3.43 -10.05
N PHE B 14 2.86 2.41 -10.90
CA PHE B 14 3.78 1.27 -10.68
C PHE B 14 4.83 1.31 -11.73
N ASN B 15 6.06 1.64 -11.30
CA ASN B 15 7.09 1.88 -12.24
CA ASN B 15 7.16 1.87 -12.23
C ASN B 15 8.02 0.66 -12.32
N SER B 16 8.29 0.17 -13.52
N SER B 16 8.30 0.20 -13.53
CA SER B 16 9.19 -0.95 -13.63
CA SER B 16 9.18 -0.91 -13.74
C SER B 16 10.56 -0.54 -13.14
C SER B 16 10.59 -0.58 -13.25
N PHE B 17 11.14 -1.48 -12.44
CA PHE B 17 12.44 -1.25 -11.86
C PHE B 17 13.49 -1.14 -12.96
N ASN B 18 13.26 -1.86 -14.05
CA ASN B 18 14.15 -1.76 -15.22
CA ASN B 18 14.15 -1.89 -15.22
C ASN B 18 13.41 -1.58 -16.55
N PRO B 19 14.09 -1.05 -17.57
CA PRO B 19 13.46 -0.92 -18.87
C PRO B 19 13.02 -2.27 -19.48
N GLY B 20 12.00 -2.24 -20.35
CA GLY B 20 11.64 -3.40 -21.15
C GLY B 20 10.17 -3.77 -21.13
N PRO B 21 9.80 -4.78 -21.92
CA PRO B 21 8.40 -5.18 -22.00
C PRO B 21 7.99 -5.64 -20.60
N LEU B 22 6.77 -5.33 -20.15
CA LEU B 22 6.33 -5.68 -18.78
C LEU B 22 6.38 -7.18 -18.47
N ARG B 23 6.24 -8.04 -19.47
CA ARG B 23 6.29 -9.49 -19.16
C ARG B 23 7.65 -9.92 -18.63
N PHE B 24 8.68 -9.15 -18.90
CA PHE B 24 9.99 -9.47 -18.35
C PHE B 24 10.35 -8.68 -17.07
N VAL B 25 9.45 -7.81 -16.59
CA VAL B 25 9.75 -7.00 -15.44
C VAL B 25 9.29 -7.77 -14.19
N ASN B 26 10.17 -7.88 -13.18
CA ASN B 26 9.86 -8.63 -12.00
C ASN B 26 9.56 -7.73 -10.80
N TYR B 27 10.03 -6.49 -10.80
CA TYR B 27 9.87 -5.59 -9.66
C TYR B 27 9.28 -4.29 -10.05
N PHE B 28 8.40 -3.75 -9.19
CA PHE B 28 7.74 -2.47 -9.51
C PHE B 28 7.87 -1.57 -8.31
N GLU B 29 8.12 -0.29 -8.54
CA GLU B 29 8.30 0.67 -7.50
C GLU B 29 7.02 1.53 -7.48
N LYS B 30 6.38 1.70 -6.33
CA LYS B 30 5.13 2.47 -6.26
C LYS B 30 5.38 3.98 -6.13
N HIS B 31 4.64 4.79 -6.89
CA HIS B 31 4.71 6.25 -6.71
C HIS B 31 3.28 6.79 -6.68
N VAL B 32 3.08 7.92 -6.02
CA VAL B 32 1.77 8.62 -6.11
C VAL B 32 1.85 9.68 -7.21
N ALA B 33 0.85 9.68 -8.08
CA ALA B 33 0.93 10.47 -9.34
C ALA B 33 -0.47 10.77 -9.85
N GLY B 34 -0.67 10.78 -11.17
CA GLY B 34 -1.91 11.35 -11.66
C GLY B 34 -1.59 12.79 -12.04
N SER B 35 -2.05 13.19 -13.20
CA SER B 35 -1.61 14.39 -13.78
C SER B 35 -1.92 15.64 -12.96
N GLU B 36 -3.16 15.81 -12.49
CA GLU B 36 -3.45 17.01 -11.67
C GLU B 36 -2.80 16.93 -10.29
N LEU B 37 -2.56 15.75 -9.75
CA LEU B 37 -1.82 15.71 -8.50
C LEU B 37 -0.36 16.23 -8.67
N ASN B 38 0.32 15.75 -9.70
CA ASN B 38 1.64 16.19 -10.07
C ASN B 38 1.62 17.69 -10.25
N PHE B 39 0.64 18.19 -10.97
CA PHE B 39 0.45 19.65 -11.12
C PHE B 39 0.34 20.32 -9.76
N CYS B 40 -0.49 19.80 -8.82
CA CYS B 40 -0.65 20.47 -7.54
C CYS B 40 0.67 20.47 -6.74
N ILE B 41 1.44 19.39 -6.84
CA ILE B 41 2.71 19.35 -6.11
C ILE B 41 3.60 20.52 -6.59
N ALA B 42 3.61 20.75 -7.89
CA ALA B 42 4.40 21.84 -8.45
C ALA B 42 3.90 23.24 -7.98
N VAL B 43 2.57 23.43 -7.88
CA VAL B 43 2.03 24.66 -7.30
C VAL B 43 2.50 24.91 -5.90
N VAL B 44 2.41 23.91 -5.01
N VAL B 44 2.38 23.90 -5.03
CA VAL B 44 2.80 24.17 -3.61
CA VAL B 44 2.77 24.12 -3.66
C VAL B 44 4.31 24.28 -3.43
C VAL B 44 4.28 24.41 -3.55
N ARG B 45 5.09 23.70 -4.36
CA ARG B 45 6.58 23.88 -4.38
C ARG B 45 6.94 25.34 -4.74
N ASN B 46 6.05 26.05 -5.44
CA ASN B 46 6.23 27.46 -5.78
C ASN B 46 5.39 28.36 -4.87
N HIS B 47 5.00 27.81 -3.72
CA HIS B 47 4.56 28.60 -2.56
C HIS B 47 3.18 29.21 -2.70
N LEU B 48 2.30 28.60 -3.51
CA LEU B 48 0.90 28.96 -3.54
C LEU B 48 0.11 27.82 -2.89
N SER B 49 -1.05 28.14 -2.32
CA SER B 49 -1.90 27.09 -1.77
C SER B 49 -2.65 26.45 -2.94
N CYS B 50 -2.93 25.17 -2.82
CA CYS B 50 -3.47 24.37 -3.91
C CYS B 50 -4.38 23.28 -3.36
N SER B 51 -5.63 23.26 -3.82
CA SER B 51 -6.53 22.21 -3.39
C SER B 51 -6.86 21.30 -4.60
N LEU B 52 -6.78 20.00 -4.43
CA LEU B 52 -7.22 19.06 -5.47
C LEU B 52 -8.66 18.57 -5.16
N ILE B 53 -9.55 18.71 -6.14
CA ILE B 53 -10.87 18.17 -5.99
C ILE B 53 -10.89 16.85 -6.76
N ALA B 54 -11.23 15.77 -6.08
CA ALA B 54 -11.01 14.46 -6.68
C ALA B 54 -11.72 13.41 -5.83
N ARG B 55 -11.81 12.18 -6.32
CA ARG B 55 -12.27 11.09 -5.45
C ARG B 55 -11.21 10.05 -5.47
N VAL B 56 -11.08 9.32 -4.37
CA VAL B 56 -10.25 8.12 -4.27
C VAL B 56 -11.19 7.00 -3.71
N GLY B 57 -10.74 5.75 -3.78
CA GLY B 57 -11.54 4.66 -3.21
C GLY B 57 -11.32 4.56 -1.73
N ASN B 58 -12.19 3.80 -1.05
CA ASN B 58 -11.97 3.59 0.37
C ASN B 58 -11.06 2.35 0.52
N ASP B 59 -9.79 2.48 0.15
CA ASP B 59 -8.89 1.35 0.12
C ASP B 59 -7.48 1.90 0.47
N GLU B 60 -6.50 1.02 0.62
CA GLU B 60 -5.11 1.47 0.97
C GLU B 60 -4.56 2.45 -0.05
N PHE B 61 -4.76 2.19 -1.32
CA PHE B 61 -4.20 3.11 -2.32
C PHE B 61 -4.84 4.50 -2.22
N GLY B 62 -6.13 4.59 -1.91
CA GLY B 62 -6.78 5.92 -1.67
C GLY B 62 -6.26 6.61 -0.44
N LYS B 63 -6.04 5.87 0.65
CA LYS B 63 -5.38 6.47 1.84
C LYS B 63 -3.97 6.91 1.51
N ASN B 64 -3.25 6.13 0.70
CA ASN B 64 -1.91 6.53 0.25
C ASN B 64 -1.92 7.88 -0.45
N ILE B 65 -2.90 8.07 -1.33
CA ILE B 65 -2.96 9.33 -2.05
C ILE B 65 -3.22 10.49 -1.14
N ILE B 66 -4.16 10.35 -0.24
CA ILE B 66 -4.46 11.47 0.65
C ILE B 66 -3.28 11.79 1.58
N GLU B 67 -2.66 10.77 2.22
CA GLU B 67 -1.54 11.01 3.11
C GLU B 67 -0.35 11.64 2.39
N TYR B 68 -0.01 11.09 1.24
CA TYR B 68 1.09 11.67 0.47
C TYR B 68 0.82 13.16 0.11
N SER B 69 -0.42 13.47 -0.27
CA SER B 69 -0.78 14.84 -0.67
C SER B 69 -0.66 15.78 0.53
N ARG B 70 -1.14 15.32 1.69
CA ARG B 70 -1.04 16.05 2.96
C ARG B 70 0.44 16.27 3.28
N ALA B 71 1.27 15.22 3.16
CA ALA B 71 2.70 15.34 3.44
C ALA B 71 3.28 16.51 2.61
N GLN B 72 2.83 16.65 1.37
CA GLN B 72 3.44 17.56 0.41
C GLN B 72 2.80 18.95 0.47
N GLY B 73 1.84 19.16 1.36
CA GLY B 73 1.29 20.52 1.60
C GLY B 73 0.11 20.83 0.70
N ILE B 74 -0.34 19.83 -0.06
CA ILE B 74 -1.61 19.97 -0.81
C ILE B 74 -2.83 19.98 0.14
N ASP B 75 -3.79 20.87 -0.12
CA ASP B 75 -4.99 20.90 0.69
C ASP B 75 -5.81 19.68 0.22
N THR B 76 -6.13 18.78 1.14
CA THR B 76 -6.81 17.56 0.78
C THR B 76 -8.27 17.55 1.20
N SER B 77 -8.75 18.69 1.68
CA SER B 77 -10.14 18.78 2.14
C SER B 77 -11.20 18.33 1.09
N HIS B 78 -10.91 18.47 -0.21
CA HIS B 78 -11.86 18.04 -1.22
C HIS B 78 -11.43 16.81 -2.02
N ILE B 79 -10.51 16.00 -1.50
CA ILE B 79 -10.29 14.65 -2.07
C ILE B 79 -11.27 13.76 -1.29
N LYS B 80 -12.38 13.36 -1.91
CA LYS B 80 -13.34 12.62 -1.12
C LYS B 80 -13.21 11.12 -1.33
N VAL B 81 -13.44 10.37 -0.27
CA VAL B 81 -13.36 8.92 -0.33
C VAL B 81 -14.71 8.39 -0.81
N ASP B 82 -14.69 7.56 -1.85
CA ASP B 82 -15.90 6.99 -2.45
C ASP B 82 -15.90 5.49 -2.23
N ASN B 83 -16.79 5.02 -1.35
CA ASN B 83 -16.89 3.58 -1.08
C ASN B 83 -17.44 2.72 -2.19
N GLU B 84 -18.07 3.32 -3.18
CA GLU B 84 -18.64 2.55 -4.25
C GLU B 84 -17.59 2.04 -5.24
N SER B 85 -16.37 2.56 -5.23
CA SER B 85 -15.39 2.08 -6.24
C SER B 85 -13.95 2.11 -5.76
N PHE B 86 -13.01 1.72 -6.62
CA PHE B 86 -11.62 1.47 -6.19
C PHE B 86 -10.73 2.61 -6.67
N THR B 87 -9.52 2.72 -6.09
CA THR B 87 -8.57 3.77 -6.51
C THR B 87 -7.81 3.27 -7.76
N GLY B 88 -7.85 4.08 -8.80
CA GLY B 88 -7.26 3.66 -10.09
C GLY B 88 -5.75 3.63 -10.04
N ILE B 89 -5.14 2.80 -10.86
CA ILE B 89 -3.68 2.62 -10.82
C ILE B 89 -3.22 2.51 -12.26
N TYR B 90 -1.90 2.64 -12.50
CA TYR B 90 -1.40 2.29 -13.83
C TYR B 90 0.02 1.80 -13.72
N PHE B 91 0.46 1.09 -14.73
CA PHE B 91 1.85 0.57 -14.78
C PHE B 91 2.60 1.31 -15.89
N ILE B 92 3.90 1.55 -15.70
CA ILE B 92 4.71 2.15 -16.74
C ILE B 92 5.67 1.10 -17.33
N GLN B 93 5.61 0.93 -18.64
CA GLN B 93 6.58 0.13 -19.36
C GLN B 93 7.58 1.16 -19.86
N ARG B 94 8.86 1.02 -19.50
CA ARG B 94 9.88 2.03 -19.85
C ARG B 94 10.82 1.54 -20.96
N GLY B 95 11.13 2.42 -21.93
CA GLY B 95 12.26 2.13 -22.88
C GLY B 95 12.04 1.04 -23.94
N TYR B 96 10.78 0.65 -24.14
CA TYR B 96 10.44 -0.40 -25.11
C TYR B 96 9.02 -0.20 -25.64
N PRO B 97 8.84 -0.12 -26.97
CA PRO B 97 9.89 -0.28 -28.01
C PRO B 97 10.66 0.97 -28.34
N ILE B 98 10.40 2.09 -27.63
CA ILE B 98 11.10 3.34 -27.93
C ILE B 98 12.00 3.73 -26.72
N PRO B 99 13.32 3.70 -26.89
CA PRO B 99 14.21 4.10 -25.83
C PRO B 99 13.89 5.50 -25.29
N MET B 100 14.10 5.65 -24.00
CA MET B 100 13.90 6.94 -23.30
CA MET B 100 13.88 6.91 -23.25
C MET B 100 12.45 7.47 -23.27
N LYS B 101 11.50 6.62 -23.65
CA LYS B 101 10.06 6.97 -23.64
C LYS B 101 9.33 5.88 -22.80
N SER B 102 8.12 6.19 -22.34
CA SER B 102 7.35 5.33 -21.45
C SER B 102 5.97 5.12 -22.02
N GLU B 103 5.34 3.97 -21.74
CA GLU B 103 3.95 3.70 -22.12
C GLU B 103 3.19 3.33 -20.86
N LEU B 104 1.90 3.71 -20.77
CA LEU B 104 1.17 3.54 -19.51
C LEU B 104 0.12 2.48 -19.73
N VAL B 105 -0.03 1.53 -18.81
CA VAL B 105 -1.10 0.52 -18.89
C VAL B 105 -2.02 0.80 -17.66
N TYR B 106 -3.27 1.16 -17.92
CA TYR B 106 -4.19 1.63 -16.94
C TYR B 106 -5.08 0.53 -16.44
N TYR B 107 -5.42 0.61 -15.14
CA TYR B 107 -6.46 -0.19 -14.50
C TYR B 107 -7.30 0.86 -13.76
N ARG B 108 -8.14 1.56 -14.49
CA ARG B 108 -8.87 2.70 -13.90
C ARG B 108 -10.28 2.76 -14.42
N LYS B 109 -10.70 1.81 -15.24
CA LYS B 109 -12.11 1.84 -15.76
C LYS B 109 -13.13 1.72 -14.63
N GLY B 110 -14.05 2.68 -14.54
CA GLY B 110 -15.02 2.70 -13.43
C GLY B 110 -14.45 2.98 -12.05
N SER B 111 -13.21 3.46 -11.94
CA SER B 111 -12.59 3.81 -10.65
C SER B 111 -13.38 4.89 -9.90
N ALA B 112 -13.09 5.01 -8.60
CA ALA B 112 -13.57 6.09 -7.77
C ALA B 112 -13.30 7.45 -8.40
N GLY B 113 -12.06 7.68 -8.85
CA GLY B 113 -11.72 8.99 -9.43
C GLY B 113 -12.55 9.34 -10.65
N SER B 114 -12.98 8.32 -11.43
CA SER B 114 -13.81 8.54 -12.60
C SER B 114 -15.22 9.01 -12.24
N ARG B 115 -15.57 8.87 -10.96
CA ARG B 115 -16.87 9.26 -10.49
C ARG B 115 -16.93 10.74 -10.07
N LEU B 116 -15.82 11.47 -10.22
CA LEU B 116 -15.85 12.89 -9.98
C LEU B 116 -17.05 13.49 -10.75
N SER B 117 -17.79 14.40 -10.13
CA SER B 117 -19.05 14.86 -10.77
C SER B 117 -19.42 16.29 -10.36
N PRO B 118 -20.34 16.93 -11.09
CA PRO B 118 -20.72 18.28 -10.69
C PRO B 118 -21.13 18.45 -9.22
N GLU B 119 -21.67 17.44 -8.55
CA GLU B 119 -22.04 17.56 -7.14
C GLU B 119 -20.83 17.78 -6.23
N ASP B 120 -19.62 17.39 -6.68
CA ASP B 120 -18.36 17.68 -5.93
C ASP B 120 -17.88 19.14 -6.01
N ILE B 121 -18.54 19.92 -6.89
CA ILE B 121 -18.09 21.29 -7.19
C ILE B 121 -19.03 22.30 -6.51
N ASN B 122 -18.60 22.83 -5.38
CA ASN B 122 -19.39 23.82 -4.64
C ASN B 122 -19.11 25.24 -5.22
N GLU B 123 -20.17 25.94 -5.59
CA GLU B 123 -20.05 27.24 -6.21
C GLU B 123 -19.25 28.22 -5.35
N ASN B 124 -19.52 28.32 -4.04
CA ASN B 124 -18.81 29.31 -3.22
C ASN B 124 -17.31 28.96 -3.04
N TYR B 125 -17.02 27.68 -2.91
CA TYR B 125 -15.64 27.24 -2.84
C TYR B 125 -14.83 27.62 -4.08
N VAL B 126 -15.36 27.35 -5.25
CA VAL B 126 -14.65 27.63 -6.49
C VAL B 126 -14.50 29.11 -6.75
N ARG B 127 -15.53 29.91 -6.46
CA ARG B 127 -15.44 31.37 -6.58
C ARG B 127 -14.36 31.99 -5.70
N ASN B 128 -14.12 31.39 -4.52
CA ASN B 128 -13.10 31.85 -3.60
CA ASN B 128 -13.10 31.85 -3.60
C ASN B 128 -11.70 31.27 -3.92
N SER B 129 -11.33 31.16 -5.19
CA SER B 129 -9.97 30.73 -5.57
C SER B 129 -9.53 31.65 -6.67
N ARG B 130 -8.23 31.74 -6.91
CA ARG B 130 -7.71 32.61 -7.97
C ARG B 130 -7.70 31.97 -9.35
N LEU B 131 -7.50 30.64 -9.41
CA LEU B 131 -7.51 29.98 -10.71
C LEU B 131 -7.91 28.52 -10.56
N VAL B 132 -8.58 27.98 -11.59
CA VAL B 132 -8.96 26.57 -11.64
C VAL B 132 -8.19 25.93 -12.80
N HIS B 133 -7.64 24.74 -12.58
CA HIS B 133 -6.89 24.04 -13.60
C HIS B 133 -7.51 22.65 -13.81
N SER B 134 -7.53 22.20 -15.06
CA SER B 134 -7.75 20.78 -15.32
C SER B 134 -7.08 20.41 -16.62
N THR B 135 -7.33 19.18 -17.11
CA THR B 135 -6.64 18.70 -18.28
C THR B 135 -7.59 17.84 -19.13
N GLY B 136 -7.14 17.53 -20.33
CA GLY B 136 -7.88 16.67 -21.24
C GLY B 136 -8.03 15.30 -20.70
N ILE B 137 -7.19 14.92 -19.74
CA ILE B 137 -7.38 13.57 -19.18
C ILE B 137 -8.66 13.53 -18.36
N THR B 138 -8.88 14.55 -17.53
CA THR B 138 -10.09 14.63 -16.76
C THR B 138 -11.30 14.74 -17.68
N LEU B 139 -11.17 15.46 -18.81
CA LEU B 139 -12.31 15.55 -19.75
C LEU B 139 -12.65 14.17 -20.35
N ALA B 140 -11.68 13.27 -20.41
CA ALA B 140 -11.84 11.94 -21.01
C ALA B 140 -12.36 10.86 -20.05
N ILE B 141 -12.13 10.99 -18.74
CA ILE B 141 -12.35 9.79 -17.92
C ILE B 141 -13.82 9.41 -17.76
N SER B 142 -14.71 10.39 -17.84
CA SER B 142 -16.15 10.08 -17.82
C SER B 142 -16.91 11.33 -18.16
N ASP B 143 -18.19 11.16 -18.51
CA ASP B 143 -19.01 12.33 -18.83
C ASP B 143 -19.19 13.21 -17.60
N ASN B 144 -19.40 12.60 -16.44
CA ASN B 144 -19.62 13.37 -15.22
C ASN B 144 -18.37 14.16 -14.82
N ALA B 145 -17.18 13.61 -15.04
CA ALA B 145 -15.93 14.32 -14.74
C ALA B 145 -15.74 15.49 -15.66
N LYS B 146 -16.02 15.30 -16.94
CA LYS B 146 -16.08 16.40 -17.93
C LYS B 146 -17.02 17.53 -17.50
N GLU B 147 -18.23 17.17 -17.07
CA GLU B 147 -19.18 18.18 -16.61
C GLU B 147 -18.72 18.85 -15.33
N ALA B 148 -18.05 18.11 -14.41
CA ALA B 148 -17.42 18.74 -13.23
C ALA B 148 -16.46 19.86 -13.69
N VAL B 149 -15.62 19.57 -14.70
CA VAL B 149 -14.68 20.55 -15.19
C VAL B 149 -15.41 21.74 -15.81
N ILE B 150 -16.37 21.49 -16.66
CA ILE B 150 -17.10 22.62 -17.28
C ILE B 150 -17.75 23.46 -16.17
N LYS B 151 -18.35 22.83 -15.17
CA LYS B 151 -18.95 23.61 -14.12
C LYS B 151 -17.92 24.43 -13.33
N ALA B 152 -16.82 23.81 -12.96
CA ALA B 152 -15.76 24.55 -12.24
C ALA B 152 -15.22 25.75 -13.05
N PHE B 153 -15.01 25.57 -14.33
CA PHE B 153 -14.53 26.63 -15.24
C PHE B 153 -15.49 27.81 -15.35
N GLU B 154 -16.80 27.55 -15.32
N GLU B 154 -16.79 27.53 -15.29
CA GLU B 154 -17.80 28.64 -15.38
CA GLU B 154 -17.85 28.56 -15.37
C GLU B 154 -17.59 29.50 -14.17
C GLU B 154 -17.79 29.45 -14.14
N LEU B 155 -17.35 28.86 -13.03
CA LEU B 155 -17.34 29.52 -11.75
C LEU B 155 -16.03 30.25 -11.44
N ALA B 156 -14.94 29.85 -12.12
CA ALA B 156 -13.57 30.29 -11.79
C ALA B 156 -13.36 31.75 -12.12
N LYS B 157 -12.49 32.44 -11.34
CA LYS B 157 -11.96 33.78 -11.73
C LYS B 157 -11.03 33.69 -12.95
N SER B 158 -10.25 32.62 -13.01
CA SER B 158 -9.40 32.38 -14.16
C SER B 158 -9.17 30.86 -14.29
N ARG B 159 -8.73 30.46 -15.48
CA ARG B 159 -8.62 29.07 -15.88
C ARG B 159 -7.28 28.74 -16.53
N SER B 160 -6.81 27.51 -16.24
CA SER B 160 -5.76 26.92 -17.04
CA SER B 160 -5.77 26.91 -17.04
C SER B 160 -6.14 25.51 -17.46
N LEU B 161 -5.69 25.10 -18.63
CA LEU B 161 -6.07 23.83 -19.27
CA LEU B 161 -6.05 23.82 -19.20
C LEU B 161 -4.82 23.27 -19.89
N ASP B 162 -4.51 22.02 -19.63
CA ASP B 162 -3.47 21.32 -20.36
C ASP B 162 -4.28 20.39 -21.26
N THR B 163 -4.06 20.46 -22.58
CA THR B 163 -4.89 19.70 -23.54
C THR B 163 -4.64 18.18 -23.36
N ASN B 164 -3.39 17.77 -23.14
CA ASN B 164 -3.04 16.42 -22.75
C ASN B 164 -3.93 15.36 -23.39
N ILE B 165 -3.89 15.20 -24.71
CA ILE B 165 -4.76 14.16 -25.33
C ILE B 165 -4.09 12.79 -25.24
N ARG B 166 -4.76 11.87 -24.57
CA ARG B 166 -4.24 10.53 -24.43
C ARG B 166 -5.21 9.65 -25.22
N PRO B 167 -4.84 9.32 -26.46
CA PRO B 167 -5.77 8.62 -27.39
C PRO B 167 -6.42 7.36 -26.79
N LYS B 168 -5.72 6.68 -25.88
CA LYS B 168 -6.24 5.48 -25.24
C LYS B 168 -7.41 5.73 -24.31
N LEU B 169 -7.53 6.98 -23.82
CA LEU B 169 -8.64 7.34 -22.93
C LEU B 169 -9.86 7.82 -23.67
N TRP B 170 -9.80 8.00 -24.98
CA TRP B 170 -10.96 8.50 -25.75
C TRP B 170 -11.51 7.44 -26.74
N SER B 171 -12.82 7.48 -27.03
CA SER B 171 -13.40 6.57 -28.05
C SER B 171 -12.86 6.85 -29.45
N SER B 172 -12.57 8.12 -29.75
CA SER B 172 -11.90 8.51 -31.00
C SER B 172 -11.18 9.86 -30.79
N LEU B 173 -10.22 10.20 -31.65
CA LEU B 173 -9.58 11.53 -31.63
C LEU B 173 -10.57 12.60 -32.02
N GLU B 174 -11.53 12.26 -32.85
CA GLU B 174 -12.57 13.23 -33.19
C GLU B 174 -13.30 13.65 -31.91
N LYS B 175 -13.66 12.68 -31.07
CA LYS B 175 -14.33 12.99 -29.79
C LYS B 175 -13.46 13.91 -28.90
N ALA B 176 -12.16 13.60 -28.84
CA ALA B 176 -11.20 14.43 -28.09
C ALA B 176 -11.22 15.86 -28.59
N LYS B 177 -11.08 15.97 -29.91
CA LYS B 177 -11.06 17.26 -30.58
C LYS B 177 -12.31 18.06 -30.26
N GLU B 178 -13.48 17.42 -30.39
CA GLU B 178 -14.75 18.15 -30.24
C GLU B 178 -14.94 18.60 -28.77
N THR B 179 -14.59 17.71 -27.84
CA THR B 179 -14.68 18.03 -26.43
C THR B 179 -13.78 19.18 -25.98
N ILE B 180 -12.51 19.15 -26.36
CA ILE B 180 -11.57 20.20 -25.96
C ILE B 180 -11.83 21.52 -26.71
N LEU B 181 -12.05 21.44 -28.02
CA LEU B 181 -12.38 22.65 -28.80
C LEU B 181 -13.61 23.33 -28.24
N SER B 182 -14.60 22.55 -27.82
CA SER B 182 -15.80 23.13 -27.25
C SER B 182 -15.47 23.92 -25.96
N ILE B 183 -14.57 23.39 -25.14
CA ILE B 183 -14.20 24.09 -23.91
C ILE B 183 -13.44 25.41 -24.23
N LEU B 184 -12.52 25.35 -25.19
CA LEU B 184 -11.77 26.53 -25.66
C LEU B 184 -12.66 27.63 -26.23
N LYS B 185 -13.72 27.25 -26.96
CA LYS B 185 -14.63 28.25 -27.51
C LYS B 185 -15.50 28.87 -26.45
N LYS B 186 -15.83 28.15 -25.40
CA LYS B 186 -16.73 28.60 -24.34
C LYS B 186 -16.05 29.54 -23.35
N TYR B 187 -14.74 29.34 -23.10
CA TYR B 187 -14.08 30.01 -21.98
C TYR B 187 -12.85 30.81 -22.40
N ASP B 188 -12.58 31.94 -21.75
CA ASP B 188 -11.23 32.52 -21.84
C ASP B 188 -10.33 31.53 -21.07
N ILE B 189 -9.09 31.33 -21.52
CA ILE B 189 -8.13 30.46 -20.83
C ILE B 189 -6.90 31.31 -20.56
N GLU B 190 -6.57 31.55 -19.31
N GLU B 190 -6.53 31.50 -19.31
CA GLU B 190 -5.39 32.36 -18.97
CA GLU B 190 -5.37 32.34 -18.95
C GLU B 190 -4.11 31.67 -19.51
C GLU B 190 -4.01 31.72 -19.34
N VAL B 191 -3.89 30.40 -19.16
CA VAL B 191 -2.71 29.68 -19.63
C VAL B 191 -3.19 28.34 -20.26
N LEU B 192 -2.94 28.16 -21.56
CA LEU B 192 -3.21 26.89 -22.19
C LEU B 192 -1.86 26.18 -22.35
N ILE B 193 -1.77 24.92 -21.92
CA ILE B 193 -0.55 24.17 -22.11
C ILE B 193 -0.87 23.08 -23.14
N THR B 194 -0.02 22.97 -24.15
CA THR B 194 -0.30 22.03 -25.21
C THR B 194 1.02 21.63 -25.86
N ASP B 195 0.91 20.91 -26.96
CA ASP B 195 2.09 20.42 -27.69
C ASP B 195 1.65 20.18 -29.13
N PRO B 196 2.61 19.92 -30.03
CA PRO B 196 2.36 19.67 -31.44
C PRO B 196 1.32 18.58 -31.73
N ASP B 197 1.41 17.45 -31.02
CA ASP B 197 0.53 16.33 -31.28
C ASP B 197 -0.90 16.75 -31.03
N ASP B 198 -1.14 17.44 -29.91
CA ASP B 198 -2.51 17.84 -29.55
C ASP B 198 -3.01 18.91 -30.50
N THR B 199 -2.14 19.84 -30.84
CA THR B 199 -2.48 20.94 -31.70
C THR B 199 -2.79 20.51 -33.16
N LYS B 200 -2.04 19.52 -33.65
CA LYS B 200 -2.36 18.90 -34.94
C LYS B 200 -3.80 18.34 -34.89
N ILE B 201 -4.14 17.64 -33.83
CA ILE B 201 -5.55 17.20 -33.64
C ILE B 201 -6.52 18.36 -33.53
N LEU B 202 -6.25 19.34 -32.67
CA LEU B 202 -7.27 20.41 -32.45
C LEU B 202 -7.38 21.39 -33.58
N LEU B 203 -6.24 21.78 -34.15
CA LEU B 203 -6.20 22.93 -35.05
C LEU B 203 -5.72 22.58 -36.45
N ASP B 204 -5.20 21.38 -36.62
CA ASP B 204 -4.60 20.93 -37.87
C ASP B 204 -3.40 21.79 -38.26
N VAL B 205 -2.68 22.29 -37.26
CA VAL B 205 -1.41 22.99 -37.52
C VAL B 205 -0.36 22.43 -36.57
N THR B 206 0.92 22.59 -36.90
CA THR B 206 1.96 22.29 -35.89
C THR B 206 2.94 23.44 -35.66
N ASP B 207 3.00 24.37 -36.62
CA ASP B 207 3.89 25.53 -36.51
C ASP B 207 3.54 26.37 -35.28
N PRO B 208 4.51 26.55 -34.36
CA PRO B 208 4.17 27.21 -33.08
C PRO B 208 3.54 28.62 -33.27
N ASP B 209 4.08 29.43 -34.20
CA ASP B 209 3.55 30.79 -34.37
C ASP B 209 2.10 30.73 -34.86
N GLU B 210 1.81 29.80 -35.75
CA GLU B 210 0.46 29.69 -36.25
C GLU B 210 -0.47 29.12 -35.17
N ALA B 211 -0.01 28.15 -34.38
CA ALA B 211 -0.82 27.65 -33.28
C ALA B 211 -1.16 28.82 -32.34
N TYR B 212 -0.17 29.61 -31.95
CA TYR B 212 -0.49 30.79 -31.12
C TYR B 212 -1.57 31.73 -31.74
N ARG B 213 -1.41 32.06 -33.03
N ARG B 213 -1.41 32.06 -33.02
CA ARG B 213 -2.37 32.90 -33.74
CA ARG B 213 -2.38 32.91 -33.71
C ARG B 213 -3.80 32.38 -33.57
C ARG B 213 -3.81 32.38 -33.58
N LYS B 214 -4.00 31.09 -33.81
CA LYS B 214 -5.31 30.44 -33.67
C LYS B 214 -5.82 30.34 -32.25
N TYR B 215 -4.98 29.89 -31.33
CA TYR B 215 -5.39 29.83 -29.91
C TYR B 215 -5.70 31.21 -29.35
N LYS B 216 -4.88 32.19 -29.67
CA LYS B 216 -5.22 33.56 -29.31
C LYS B 216 -6.68 33.98 -29.76
N GLU B 217 -7.08 33.71 -31.00
N GLU B 217 -7.05 33.64 -31.01
CA GLU B 217 -8.44 34.09 -31.38
CA GLU B 217 -8.41 33.86 -31.60
C GLU B 217 -9.47 33.33 -30.52
C GLU B 217 -9.51 33.12 -30.81
N LEU B 218 -9.09 32.13 -30.04
CA LEU B 218 -10.00 31.34 -29.20
C LEU B 218 -10.06 31.87 -27.75
N GLY B 219 -9.31 32.91 -27.43
CA GLY B 219 -9.43 33.54 -26.12
C GLY B 219 -8.36 33.02 -25.12
N VAL B 220 -7.31 32.38 -25.65
CA VAL B 220 -6.14 31.98 -24.84
C VAL B 220 -5.23 33.18 -24.62
N LYS B 221 -4.90 33.53 -23.39
N LYS B 221 -4.90 33.48 -23.37
CA LYS B 221 -4.01 34.68 -23.22
CA LYS B 221 -4.06 34.66 -23.03
C LYS B 221 -2.54 34.22 -23.31
C LYS B 221 -2.55 34.35 -23.10
N VAL B 222 -2.15 33.23 -22.48
CA VAL B 222 -0.75 32.73 -22.48
C VAL B 222 -0.75 31.33 -23.00
N LEU B 223 0.15 31.04 -23.95
CA LEU B 223 0.25 29.72 -24.52
C LEU B 223 1.56 29.09 -24.10
N LEU B 224 1.52 27.93 -23.46
CA LEU B 224 2.76 27.20 -23.25
C LEU B 224 2.83 25.98 -24.24
N TYR B 225 3.84 25.95 -25.08
CA TYR B 225 3.90 25.01 -26.19
C TYR B 225 5.14 24.17 -26.00
N LYS B 226 4.94 22.92 -25.64
CA LYS B 226 5.98 22.03 -25.21
C LYS B 226 6.57 21.30 -26.42
N LEU B 227 7.89 21.35 -26.58
CA LEU B 227 8.50 20.70 -27.72
C LEU B 227 9.42 19.59 -27.25
N GLY B 228 9.35 19.21 -25.98
CA GLY B 228 10.09 18.04 -25.51
C GLY B 228 11.60 18.29 -25.60
N SER B 229 12.31 17.45 -26.34
CA SER B 229 13.76 17.54 -26.38
C SER B 229 14.22 18.77 -27.12
N LYS B 230 13.30 19.45 -27.83
CA LYS B 230 13.61 20.68 -28.53
C LYS B 230 13.25 21.86 -27.62
N GLY B 231 12.91 21.63 -26.37
CA GLY B 231 12.62 22.73 -25.46
C GLY B 231 11.14 23.12 -25.36
N ALA B 232 10.84 24.37 -25.05
CA ALA B 232 9.44 24.80 -24.99
C ALA B 232 9.38 26.28 -25.31
N ILE B 233 8.21 26.73 -25.74
CA ILE B 233 7.96 28.15 -26.08
C ILE B 233 6.78 28.65 -25.24
N ALA B 234 6.86 29.89 -24.74
CA ALA B 234 5.66 30.51 -24.16
C ALA B 234 5.33 31.78 -24.97
N TYR B 235 4.04 32.11 -25.13
CA TYR B 235 3.60 33.32 -25.87
C TYR B 235 2.66 34.06 -24.95
N LYS B 236 2.70 35.40 -24.98
CA LYS B 236 1.71 36.22 -24.36
C LYS B 236 1.66 37.52 -25.19
N ASP B 237 0.52 37.89 -25.74
CA ASP B 237 0.37 39.20 -26.44
C ASP B 237 1.38 39.18 -27.61
N ASN B 238 2.36 40.06 -27.62
CA ASN B 238 3.24 40.08 -28.80
C ASN B 238 4.67 39.67 -28.42
N VAL B 239 4.80 38.82 -27.39
CA VAL B 239 6.10 38.43 -26.84
C VAL B 239 6.17 36.92 -26.89
N LYS B 240 7.34 36.40 -27.21
CA LYS B 240 7.53 34.95 -27.36
C LYS B 240 8.82 34.66 -26.62
N ALA B 241 8.82 33.68 -25.70
CA ALA B 241 10.05 33.23 -25.04
C ALA B 241 10.30 31.75 -25.43
N PHE B 242 11.57 31.39 -25.67
CA PHE B 242 11.94 30.03 -25.96
C PHE B 242 13.09 29.67 -25.03
N LYS B 243 13.08 28.44 -24.51
CA LYS B 243 14.20 27.91 -23.75
C LYS B 243 14.45 26.48 -24.23
N ASP B 244 15.69 26.13 -24.61
CA ASP B 244 15.80 24.75 -25.02
CA ASP B 244 16.05 24.76 -25.00
C ASP B 244 15.94 23.78 -23.83
N ALA B 245 15.80 22.51 -24.16
CA ALA B 245 15.87 21.44 -23.20
C ALA B 245 17.34 21.28 -22.82
N TYR B 246 17.59 20.65 -21.69
CA TYR B 246 18.90 20.21 -21.25
C TYR B 246 19.05 18.72 -21.44
N LYS B 247 20.25 18.30 -21.74
CA LYS B 247 20.63 16.88 -21.90
C LYS B 247 20.90 16.26 -20.54
N VAL B 248 20.05 15.33 -20.12
CA VAL B 248 20.25 14.61 -18.87
C VAL B 248 19.89 13.17 -19.16
N PRO B 249 20.42 12.23 -18.37
CA PRO B 249 19.95 10.86 -18.55
C PRO B 249 18.49 10.67 -18.13
N VAL B 250 17.69 10.15 -19.05
CA VAL B 250 16.28 9.91 -18.84
C VAL B 250 16.06 8.56 -18.16
N GLU B 251 15.43 8.61 -16.99
CA GLU B 251 14.89 7.42 -16.39
C GLU B 251 13.38 7.22 -16.78
N ASP B 252 12.57 8.27 -16.63
CA ASP B 252 11.16 8.19 -16.92
C ASP B 252 10.66 9.61 -17.14
N PRO B 253 10.19 9.92 -18.35
CA PRO B 253 9.65 11.23 -18.58
C PRO B 253 8.19 11.42 -18.10
N THR B 254 7.54 10.37 -17.62
CA THR B 254 6.14 10.50 -17.27
C THR B 254 5.94 11.61 -16.22
N GLY B 255 4.93 12.43 -16.39
CA GLY B 255 4.66 13.53 -15.42
C GLY B 255 5.54 14.78 -15.59
N ALA B 256 6.51 14.72 -16.49
CA ALA B 256 7.40 15.90 -16.70
C ALA B 256 6.63 17.12 -17.23
N GLY B 257 5.65 16.91 -18.09
CA GLY B 257 4.82 18.03 -18.54
C GLY B 257 3.96 18.59 -17.42
N ASP B 258 3.61 17.78 -16.42
CA ASP B 258 2.79 18.27 -15.30
C ASP B 258 3.64 19.15 -14.39
N ALA B 259 4.88 18.72 -14.14
CA ALA B 259 5.87 19.51 -13.40
C ALA B 259 6.10 20.86 -14.08
N MET B 260 6.29 20.86 -15.40
CA MET B 260 6.40 22.09 -16.15
C MET B 260 5.16 22.96 -16.07
N ALA B 261 3.98 22.38 -16.27
CA ALA B 261 2.74 23.16 -16.29
C ALA B 261 2.46 23.76 -14.92
N GLY B 262 2.56 22.97 -13.86
CA GLY B 262 2.18 23.50 -12.53
C GLY B 262 3.17 24.54 -12.06
N THR B 263 4.42 24.38 -12.47
CA THR B 263 5.48 25.34 -12.12
C THR B 263 5.24 26.65 -12.91
N PHE B 264 4.95 26.54 -14.21
CA PHE B 264 4.73 27.72 -15.03
C PHE B 264 3.51 28.48 -14.55
N VAL B 265 2.37 27.76 -14.40
CA VAL B 265 1.14 28.42 -13.98
C VAL B 265 1.24 29.12 -12.64
N SER B 266 1.86 28.45 -11.68
CA SER B 266 1.95 28.96 -10.35
CA SER B 266 1.93 28.99 -10.34
C SER B 266 2.85 30.21 -10.29
N LEU B 267 3.92 30.22 -11.09
CA LEU B 267 4.81 31.42 -11.08
C LEU B 267 4.16 32.54 -11.87
N TYR B 268 3.52 32.20 -12.97
CA TYR B 268 2.82 33.23 -13.72
C TYR B 268 1.74 33.90 -12.87
N LEU B 269 0.97 33.10 -12.13
CA LEU B 269 -0.05 33.63 -11.23
C LEU B 269 0.49 34.59 -10.14
N GLN B 270 1.72 34.38 -9.70
CA GLN B 270 2.32 35.27 -8.71
C GLN B 270 3.09 36.47 -9.29
N GLY B 271 2.92 36.73 -10.59
CA GLY B 271 3.55 37.90 -11.19
C GLY B 271 4.87 37.72 -11.93
N LYS B 272 5.39 36.49 -12.06
CA LYS B 272 6.63 36.32 -12.79
C LYS B 272 6.36 36.42 -14.28
N ASP B 273 7.33 36.87 -15.05
CA ASP B 273 7.09 37.04 -16.48
C ASP B 273 7.11 35.68 -17.17
N ILE B 274 6.75 35.61 -18.47
CA ILE B 274 6.76 34.28 -19.11
C ILE B 274 8.16 33.67 -19.30
N GLU B 275 9.18 34.52 -19.46
CA GLU B 275 10.54 33.95 -19.54
C GLU B 275 10.90 33.22 -18.24
N TYR B 276 10.70 33.87 -17.10
CA TYR B 276 11.02 33.29 -15.80
C TYR B 276 10.20 31.99 -15.56
N SER B 277 8.88 32.03 -15.88
CA SER B 277 7.96 30.93 -15.62
C SER B 277 8.36 29.75 -16.53
N LEU B 278 8.71 30.08 -17.77
CA LEU B 278 9.21 29.11 -18.72
C LEU B 278 10.49 28.43 -18.29
N ALA B 279 11.49 29.22 -17.89
CA ALA B 279 12.80 28.66 -17.54
C ALA B 279 12.61 27.76 -16.29
N HIS B 280 11.77 28.17 -15.36
CA HIS B 280 11.52 27.35 -14.15
C HIS B 280 10.76 26.07 -14.52
N GLY B 281 9.80 26.18 -15.44
CA GLY B 281 9.11 25.04 -16.04
C GLY B 281 10.05 23.97 -16.59
N ILE B 282 11.03 24.42 -17.37
CA ILE B 282 11.99 23.52 -18.00
C ILE B 282 12.92 22.90 -16.96
N ALA B 283 13.31 23.70 -15.96
CA ALA B 283 14.12 23.19 -14.85
C ALA B 283 13.39 22.03 -14.12
N ALA B 284 12.12 22.26 -13.81
CA ALA B 284 11.26 21.26 -13.14
C ALA B 284 11.15 19.98 -13.98
N SER B 285 10.83 20.14 -15.25
CA SER B 285 10.73 19.00 -16.16
CA SER B 285 10.74 18.99 -16.16
C SER B 285 12.09 18.25 -16.34
N THR B 286 13.22 18.98 -16.33
CA THR B 286 14.56 18.37 -16.44
C THR B 286 14.85 17.47 -15.24
N LEU B 287 14.59 18.01 -14.03
CA LEU B 287 14.82 17.26 -12.78
C LEU B 287 13.98 15.99 -12.71
N VAL B 288 12.70 16.08 -13.03
CA VAL B 288 11.86 14.90 -12.81
C VAL B 288 12.13 13.75 -13.78
N ILE B 289 12.62 14.03 -14.99
CA ILE B 289 12.82 12.93 -15.93
C ILE B 289 14.02 12.05 -15.52
N THR B 290 14.80 12.52 -14.55
CA THR B 290 16.05 11.78 -14.18
C THR B 290 15.72 10.67 -13.20
N VAL B 291 14.48 10.60 -12.73
CA VAL B 291 14.12 9.50 -11.81
C VAL B 291 12.79 8.84 -12.20
N ARG B 292 12.61 7.60 -11.74
N ARG B 292 12.45 7.73 -11.54
CA ARG B 292 11.33 6.94 -11.84
CA ARG B 292 11.19 7.03 -11.80
C ARG B 292 10.49 7.75 -10.85
C ARG B 292 9.91 7.79 -11.38
N GLY B 293 9.23 7.99 -11.17
N GLY B 293 9.98 8.48 -10.25
CA GLY B 293 8.42 8.77 -10.26
CA GLY B 293 8.83 9.19 -9.66
C GLY B 293 8.34 10.14 -10.86
C GLY B 293 8.53 10.46 -10.46
N ASP B 294 7.24 10.82 -10.53
CA ASP B 294 6.81 11.98 -11.29
C ASP B 294 7.07 13.30 -10.63
N ASN B 295 7.05 13.35 -9.31
CA ASN B 295 6.90 14.67 -8.65
C ASN B 295 7.77 14.89 -7.44
N GLU B 296 8.49 13.84 -7.04
CA GLU B 296 9.37 13.99 -5.89
C GLU B 296 10.46 15.06 -6.15
N LEU B 297 10.93 15.15 -7.39
CA LEU B 297 12.04 16.05 -7.71
C LEU B 297 11.61 17.36 -8.31
N THR B 298 10.31 17.62 -8.34
CA THR B 298 9.83 18.95 -8.72
C THR B 298 10.43 19.94 -7.72
N PRO B 299 11.21 20.92 -8.22
CA PRO B 299 11.94 21.82 -7.31
C PRO B 299 11.08 22.91 -6.74
N THR B 300 11.45 23.44 -5.58
CA THR B 300 10.88 24.68 -5.10
C THR B 300 11.35 25.82 -5.99
N LEU B 301 10.71 26.99 -5.87
CA LEU B 301 11.15 28.17 -6.62
C LEU B 301 12.66 28.40 -6.40
N GLU B 302 13.11 28.32 -5.16
CA GLU B 302 14.50 28.62 -4.90
C GLU B 302 15.44 27.56 -5.47
N ASP B 303 15.04 26.28 -5.42
CA ASP B 303 15.91 25.25 -5.98
C ASP B 303 15.98 25.35 -7.52
N ALA B 304 14.88 25.71 -8.18
CA ALA B 304 14.88 25.90 -9.61
C ALA B 304 15.80 27.10 -10.00
N GLU B 305 15.80 28.17 -9.22
CA GLU B 305 16.78 29.26 -9.44
C GLU B 305 18.20 28.75 -9.38
N ARG B 306 18.54 27.95 -8.37
CA ARG B 306 19.90 27.39 -8.29
C ARG B 306 20.18 26.56 -9.52
N PHE B 307 19.24 25.69 -9.91
CA PHE B 307 19.42 24.92 -11.11
C PHE B 307 19.74 25.84 -12.34
N LEU B 308 18.94 26.88 -12.53
CA LEU B 308 19.12 27.77 -13.70
C LEU B 308 20.46 28.55 -13.60
N ASN B 309 20.88 28.85 -12.38
CA ASN B 309 22.13 29.61 -12.18
C ASN B 309 23.39 28.77 -12.30
N GLU B 310 23.29 27.49 -12.01
CA GLU B 310 24.46 26.65 -11.85
C GLU B 310 24.57 25.55 -12.86
N PHE B 311 23.47 24.99 -13.35
CA PHE B 311 23.56 23.80 -14.21
C PHE B 311 24.01 24.18 -15.64
N LYS B 312 25.11 23.60 -16.10
CA LYS B 312 25.46 23.76 -17.53
C LYS B 312 25.78 22.43 -18.22
N VAL C 2 -5.87 20.28 21.23
CA VAL C 2 -5.38 18.86 21.08
C VAL C 2 -5.58 18.02 22.34
N ASP C 3 -6.00 16.77 22.16
CA ASP C 3 -6.09 15.80 23.26
C ASP C 3 -4.77 15.58 23.96
N VAL C 4 -3.70 15.33 23.20
CA VAL C 4 -2.44 14.89 23.78
C VAL C 4 -1.32 15.73 23.21
N ILE C 5 -0.48 16.20 24.10
CA ILE C 5 0.77 16.85 23.69
C ILE C 5 1.94 15.99 24.12
N ALA C 6 2.91 15.74 23.21
CA ALA C 6 4.12 14.97 23.59
C ALA C 6 5.31 15.86 23.32
N LEU C 7 6.30 15.78 24.20
CA LEU C 7 7.57 16.48 24.08
C LEU C 7 8.68 15.48 23.85
N GLY C 8 9.46 15.66 22.79
CA GLY C 8 10.59 14.75 22.62
C GLY C 8 11.38 15.21 21.43
N GLU C 9 12.28 14.33 21.00
CA GLU C 9 13.13 14.55 19.85
C GLU C 9 12.81 13.45 18.82
N PRO C 10 12.11 13.79 17.73
CA PRO C 10 11.99 12.86 16.60
C PRO C 10 13.35 12.66 15.91
N LEU C 11 13.55 11.47 15.32
CA LEU C 11 14.87 11.10 14.75
C LEU C 11 14.67 10.36 13.47
N ILE C 12 15.70 10.36 12.61
CA ILE C 12 15.73 9.43 11.50
C ILE C 12 16.42 8.14 11.89
N GLN C 13 15.78 7.00 11.60
CA GLN C 13 16.34 5.68 11.86
C GLN C 13 16.88 5.05 10.57
N PHE C 14 18.09 4.50 10.61
CA PHE C 14 18.65 3.74 9.48
C PHE C 14 18.79 2.28 9.90
N ASN C 15 18.04 1.37 9.24
CA ASN C 15 18.08 -0.03 9.64
C ASN C 15 18.84 -0.76 8.63
N SER C 16 19.70 -1.66 9.08
N SER C 16 19.67 -1.68 9.09
CA SER C 16 20.33 -2.55 8.15
CA SER C 16 20.35 -2.56 8.21
C SER C 16 19.27 -3.41 7.51
C SER C 16 19.32 -3.47 7.53
N PHE C 17 19.54 -3.70 6.25
CA PHE C 17 18.74 -4.57 5.45
C PHE C 17 18.77 -5.97 5.97
N ASN C 18 19.94 -6.41 6.47
CA ASN C 18 20.07 -7.74 7.11
C ASN C 18 20.75 -7.68 8.50
N PRO C 19 20.62 -8.74 9.31
CA PRO C 19 21.27 -8.89 10.61
C PRO C 19 22.81 -8.88 10.44
N GLY C 20 23.52 -8.54 11.52
CA GLY C 20 24.98 -8.62 11.45
C GLY C 20 25.65 -7.34 11.89
N PRO C 21 26.97 -7.41 12.15
CA PRO C 21 27.68 -6.23 12.61
C PRO C 21 27.60 -5.15 11.51
N LEU C 22 27.48 -3.87 11.88
CA LEU C 22 27.32 -2.80 10.86
C LEU C 22 28.47 -2.73 9.88
N ARG C 23 29.68 -3.17 10.26
CA ARG C 23 30.77 -3.08 9.30
C ARG C 23 30.58 -3.99 8.09
N PHE C 24 29.72 -4.99 8.19
CA PHE C 24 29.43 -5.88 7.05
C PHE C 24 28.09 -5.51 6.36
N VAL C 25 27.38 -4.51 6.84
CA VAL C 25 26.13 -4.10 6.23
C VAL C 25 26.41 -3.14 5.09
N ASN C 26 25.91 -3.44 3.89
CA ASN C 26 26.13 -2.53 2.73
C ASN C 26 24.94 -1.58 2.49
N TYR C 27 23.73 -1.98 2.88
CA TYR C 27 22.52 -1.18 2.63
C TYR C 27 21.72 -0.88 3.88
N PHE C 28 21.12 0.32 3.89
CA PHE C 28 20.36 0.83 5.05
C PHE C 28 19.06 1.38 4.54
N GLU C 29 17.98 1.04 5.22
CA GLU C 29 16.65 1.55 4.86
C GLU C 29 16.27 2.64 5.85
N LYS C 30 15.73 3.76 5.36
CA LYS C 30 15.49 4.95 6.21
C LYS C 30 14.06 4.87 6.77
N HIS C 31 13.88 5.14 8.07
CA HIS C 31 12.53 5.29 8.64
C HIS C 31 12.48 6.52 9.54
N VAL C 32 11.28 7.02 9.73
CA VAL C 32 11.07 8.14 10.64
C VAL C 32 10.64 7.53 11.98
N ALA C 33 11.33 7.93 13.03
CA ALA C 33 11.10 7.38 14.35
C ALA C 33 11.43 8.37 15.46
N GLY C 34 11.91 7.87 16.59
CA GLY C 34 12.06 8.67 17.77
C GLY C 34 10.91 8.30 18.67
N SER C 35 11.22 8.09 19.95
CA SER C 35 10.24 7.59 20.93
C SER C 35 8.93 8.36 20.99
N GLU C 36 8.97 9.67 21.21
CA GLU C 36 7.67 10.40 21.29
C GLU C 36 6.95 10.52 19.96
N LEU C 37 7.69 10.48 18.85
CA LEU C 37 6.99 10.49 17.57
C LEU C 37 6.23 9.14 17.36
N ASN C 38 6.87 8.00 17.63
CA ASN C 38 6.20 6.73 17.58
C ASN C 38 4.95 6.77 18.44
N PHE C 39 5.11 7.23 19.67
CA PHE C 39 3.97 7.37 20.58
C PHE C 39 2.84 8.19 19.98
N CYS C 40 3.16 9.35 19.37
CA CYS C 40 2.10 10.15 18.75
C CYS C 40 1.37 9.42 17.62
N ILE C 41 2.12 8.61 16.86
CA ILE C 41 1.50 7.86 15.78
C ILE C 41 0.45 6.91 16.39
N ALA C 42 0.80 6.26 17.50
CA ALA C 42 -0.18 5.38 18.15
C ALA C 42 -1.39 6.15 18.67
N VAL C 43 -1.22 7.37 19.19
CA VAL C 43 -2.33 8.15 19.72
C VAL C 43 -3.30 8.50 18.59
N VAL C 44 -2.75 8.93 17.45
N VAL C 44 -2.76 8.96 17.45
CA VAL C 44 -3.55 9.33 16.28
CA VAL C 44 -3.61 9.31 16.33
C VAL C 44 -4.26 8.16 15.60
C VAL C 44 -4.37 8.11 15.76
N ARG C 45 -3.69 6.95 15.69
CA ARG C 45 -4.30 5.75 15.16
C ARG C 45 -5.47 5.34 15.99
N ASN C 46 -5.47 5.76 17.26
CA ASN C 46 -6.58 5.48 18.14
C ASN C 46 -7.52 6.66 18.26
N HIS C 47 -7.39 7.60 17.31
CA HIS C 47 -8.39 8.63 17.06
C HIS C 47 -8.43 9.77 18.04
N LEU C 48 -7.32 10.05 18.72
CA LEU C 48 -7.21 11.33 19.43
C LEU C 48 -6.33 12.30 18.62
N SER C 49 -6.49 13.60 18.81
CA SER C 49 -5.58 14.56 18.20
C SER C 49 -4.31 14.60 19.06
N CYS C 50 -3.16 14.86 18.44
CA CYS C 50 -1.91 14.75 19.14
C CYS C 50 -0.93 15.71 18.51
N SER C 51 -0.25 16.48 19.35
CA SER C 51 0.70 17.46 18.91
C SER C 51 2.10 17.08 19.40
N LEU C 52 3.09 17.02 18.52
CA LEU C 52 4.46 16.82 19.00
C LEU C 52 5.15 18.18 19.14
N ILE C 53 5.70 18.50 20.31
CA ILE C 53 6.47 19.74 20.49
C ILE C 53 7.92 19.28 20.43
N ALA C 54 8.67 19.79 19.46
CA ALA C 54 10.01 19.30 19.25
C ALA C 54 10.72 20.33 18.37
N ARG C 55 12.04 20.16 18.19
CA ARG C 55 12.78 20.84 17.09
C ARG C 55 13.35 19.82 16.10
N VAL C 56 13.57 20.26 14.87
CA VAL C 56 14.27 19.53 13.85
C VAL C 56 15.25 20.55 13.28
N GLY C 57 16.26 20.08 12.53
CA GLY C 57 17.17 21.01 11.90
C GLY C 57 16.56 21.54 10.62
N ASN C 58 17.17 22.60 10.05
CA ASN C 58 16.70 23.16 8.78
C ASN C 58 17.40 22.36 7.66
N ASP C 59 17.00 21.10 7.48
CA ASP C 59 17.72 20.19 6.59
C ASP C 59 16.75 19.16 6.03
N GLU C 60 17.22 18.28 5.14
CA GLU C 60 16.32 17.35 4.47
C GLU C 60 15.66 16.41 5.46
N PHE C 61 16.43 15.93 6.44
CA PHE C 61 15.86 15.00 7.37
C PHE C 61 14.85 15.64 8.30
N GLY C 62 15.07 16.90 8.68
CA GLY C 62 14.01 17.62 9.47
C GLY C 62 12.75 17.77 8.67
N LYS C 63 12.88 18.15 7.39
CA LYS C 63 11.66 18.21 6.53
C LYS C 63 10.98 16.84 6.43
N ASN C 64 11.78 15.79 6.31
CA ASN C 64 11.26 14.42 6.24
C ASN C 64 10.37 14.14 7.45
N ILE C 65 10.86 14.53 8.63
CA ILE C 65 10.14 14.31 9.88
C ILE C 65 8.83 15.06 9.91
N ILE C 66 8.85 16.32 9.50
CA ILE C 66 7.61 17.10 9.44
C ILE C 66 6.61 16.51 8.44
N GLU C 67 7.07 16.23 7.22
CA GLU C 67 6.15 15.71 6.18
C GLU C 67 5.55 14.36 6.55
N TYR C 68 6.39 13.46 7.06
CA TYR C 68 5.92 12.18 7.56
C TYR C 68 4.87 12.33 8.64
N SER C 69 5.10 13.23 9.58
CA SER C 69 4.21 13.38 10.70
C SER C 69 2.89 13.94 10.22
N ARG C 70 2.92 14.87 9.28
CA ARG C 70 1.73 15.48 8.69
C ARG C 70 0.97 14.38 7.99
N ALA C 71 1.67 13.57 7.19
CA ALA C 71 1.03 12.49 6.44
C ALA C 71 0.22 11.62 7.39
N GLN C 72 0.75 11.36 8.58
CA GLN C 72 0.15 10.44 9.56
C GLN C 72 -0.85 11.09 10.48
N GLY C 73 -1.11 12.39 10.31
CA GLY C 73 -2.21 13.01 11.07
C GLY C 73 -1.78 13.59 12.41
N ILE C 74 -0.47 13.64 12.68
CA ILE C 74 0.04 14.34 13.87
C ILE C 74 -0.01 15.85 13.60
N ASP C 75 -0.44 16.63 14.60
CA ASP C 75 -0.36 18.06 14.52
C ASP C 75 1.13 18.48 14.51
N THR C 76 1.58 19.13 13.46
CA THR C 76 3.01 19.50 13.36
C THR C 76 3.31 21.00 13.58
N SER C 77 2.30 21.76 14.03
CA SER C 77 2.46 23.20 14.29
C SER C 77 3.55 23.54 15.31
N HIS C 78 3.87 22.63 16.22
CA HIS C 78 4.89 22.92 17.23
C HIS C 78 6.17 22.10 17.00
N ILE C 79 6.38 21.61 15.77
CA ILE C 79 7.69 21.09 15.41
C ILE C 79 8.39 22.29 14.78
N LYS C 80 9.33 22.86 15.55
CA LYS C 80 10.08 24.03 15.10
C LYS C 80 11.37 23.65 14.36
N VAL C 81 11.60 24.29 13.23
CA VAL C 81 12.85 24.18 12.50
C VAL C 81 13.93 25.07 13.14
N ASP C 82 15.06 24.48 13.51
CA ASP C 82 16.13 25.20 14.16
C ASP C 82 17.34 25.28 13.21
N ASN C 83 17.57 26.44 12.58
CA ASN C 83 18.70 26.60 11.64
C ASN C 83 20.08 26.46 12.30
N GLU C 84 20.11 26.42 13.62
N GLU C 84 20.16 26.46 13.62
CA GLU C 84 21.35 26.42 14.41
CA GLU C 84 21.47 26.41 14.27
C GLU C 84 21.98 25.03 14.61
C GLU C 84 22.07 25.02 14.38
N SER C 85 21.24 23.96 14.31
CA SER C 85 21.80 22.58 14.36
C SER C 85 21.10 21.57 13.43
N PHE C 86 21.44 20.28 13.59
CA PHE C 86 21.11 19.28 12.56
C PHE C 86 20.07 18.35 13.14
N THR C 87 19.33 17.65 12.27
CA THR C 87 18.39 16.62 12.74
C THR C 87 19.14 15.37 13.16
N GLY C 88 18.91 14.91 14.40
CA GLY C 88 19.56 13.70 14.90
C GLY C 88 19.14 12.45 14.16
N ILE C 89 20.04 11.47 14.11
CA ILE C 89 19.74 10.21 13.43
C ILE C 89 20.33 9.07 14.28
N TYR C 90 19.94 7.83 13.97
CA TYR C 90 20.64 6.70 14.58
C TYR C 90 20.61 5.53 13.60
N PHE C 91 21.54 4.59 13.82
CA PHE C 91 21.59 3.36 13.08
C PHE C 91 21.18 2.17 13.96
N ILE C 92 20.56 1.13 13.36
CA ILE C 92 20.21 -0.05 14.15
C ILE C 92 21.10 -1.18 13.65
N GLN C 93 21.86 -1.76 14.57
CA GLN C 93 22.54 -3.03 14.34
C GLN C 93 21.61 -4.15 14.85
N ARG C 94 21.22 -5.03 13.93
CA ARG C 94 20.19 -6.04 14.17
CA ARG C 94 20.21 -6.04 14.18
C ARG C 94 20.84 -7.42 14.38
N GLY C 95 20.41 -8.15 15.40
CA GLY C 95 20.68 -9.60 15.50
C GLY C 95 22.13 -9.99 15.70
N TYR C 96 22.94 -9.04 16.14
CA TYR C 96 24.34 -9.35 16.47
C TYR C 96 24.80 -8.45 17.63
N PRO C 97 25.39 -9.05 18.71
CA PRO C 97 25.65 -10.53 18.90
C PRO C 97 24.46 -11.35 19.43
N ILE C 98 23.32 -10.72 19.67
CA ILE C 98 22.10 -11.41 20.14
C ILE C 98 20.99 -11.48 19.07
N PRO C 99 20.67 -12.69 18.56
CA PRO C 99 19.63 -12.75 17.57
C PRO C 99 18.34 -12.13 18.02
N MET C 100 17.63 -11.54 17.06
CA MET C 100 16.28 -10.92 17.28
C MET C 100 16.28 -9.75 18.24
N LYS C 101 17.45 -9.26 18.60
CA LYS C 101 17.52 -8.03 19.38
C LYS C 101 18.20 -6.92 18.56
N SER C 102 17.98 -5.67 18.92
CA SER C 102 18.62 -4.59 18.19
C SER C 102 19.46 -3.68 19.08
N GLU C 103 20.50 -3.02 18.52
CA GLU C 103 21.32 -2.06 19.25
C GLU C 103 21.40 -0.80 18.45
N LEU C 104 21.35 0.36 19.13
CA LEU C 104 21.18 1.64 18.42
C LEU C 104 22.50 2.38 18.51
N VAL C 105 22.92 3.02 17.42
CA VAL C 105 24.14 3.80 17.39
C VAL C 105 23.70 5.19 17.00
N TYR C 106 23.84 6.14 17.93
CA TYR C 106 23.30 7.48 17.78
C TYR C 106 24.28 8.49 17.21
N TYR C 107 23.78 9.34 16.31
CA TYR C 107 24.46 10.54 15.87
C TYR C 107 23.54 11.71 16.19
N ARG C 108 23.53 12.12 17.46
CA ARG C 108 22.51 13.09 17.94
C ARG C 108 23.04 14.15 18.92
N LYS C 109 24.31 14.09 19.29
CA LYS C 109 24.84 15.07 20.25
C LYS C 109 24.78 16.51 19.72
N GLY C 110 24.30 17.47 20.52
CA GLY C 110 24.11 18.84 20.05
C GLY C 110 23.14 18.99 18.85
N SER C 111 22.27 17.99 18.63
CA SER C 111 21.28 18.08 17.56
C SER C 111 20.26 19.17 17.81
N ALA C 112 19.55 19.56 16.75
CA ALA C 112 18.45 20.51 16.88
C ALA C 112 17.39 20.00 17.88
N GLY C 113 17.07 18.71 17.84
CA GLY C 113 16.15 18.16 18.86
C GLY C 113 16.57 18.31 20.31
N SER C 114 17.88 18.29 20.60
CA SER C 114 18.35 18.41 21.97
C SER C 114 18.23 19.85 22.45
N ARG C 115 17.98 20.79 21.54
CA ARG C 115 17.82 22.20 21.90
C ARG C 115 16.39 22.54 22.26
N LEU C 116 15.49 21.56 22.27
CA LEU C 116 14.16 21.77 22.85
C LEU C 116 14.28 22.47 24.22
N SER C 117 13.47 23.49 24.50
CA SER C 117 13.72 24.27 25.72
C SER C 117 12.43 24.92 26.24
N PRO C 118 12.43 25.48 27.49
CA PRO C 118 11.19 26.02 28.05
C PRO C 118 10.53 27.04 27.15
N GLU C 119 11.34 27.77 26.41
CA GLU C 119 10.90 28.81 25.48
C GLU C 119 9.89 28.25 24.49
N ASP C 120 10.03 26.96 24.18
CA ASP C 120 9.13 26.27 23.24
C ASP C 120 7.82 25.88 23.88
N ILE C 121 7.71 26.02 25.20
CA ILE C 121 6.54 25.59 25.93
C ILE C 121 5.64 26.81 26.24
N ASN C 122 4.51 26.86 25.56
CA ASN C 122 3.59 27.96 25.73
C ASN C 122 2.52 27.64 26.73
N GLU C 123 2.52 28.37 27.84
CA GLU C 123 1.54 28.20 28.91
C GLU C 123 0.10 27.92 28.44
N ASN C 124 -0.46 28.83 27.66
CA ASN C 124 -1.82 28.71 27.18
C ASN C 124 -2.05 27.41 26.36
N TYR C 125 -1.13 27.16 25.43
CA TYR C 125 -1.22 25.95 24.59
C TYR C 125 -1.27 24.66 25.41
N VAL C 126 -0.38 24.54 26.38
CA VAL C 126 -0.35 23.31 27.15
C VAL C 126 -1.59 23.18 28.02
N ARG C 127 -2.07 24.28 28.61
CA ARG C 127 -3.25 24.19 29.49
C ARG C 127 -4.50 23.76 28.72
N ASN C 128 -4.53 24.01 27.42
CA ASN C 128 -5.68 23.60 26.65
CA ASN C 128 -5.64 23.65 26.55
C ASN C 128 -5.56 22.19 26.06
N SER C 129 -4.76 21.35 26.71
CA SER C 129 -4.76 19.93 26.31
C SER C 129 -5.16 19.06 27.49
N ARG C 130 -5.51 17.82 27.17
CA ARG C 130 -5.96 16.86 28.18
CA ARG C 130 -5.96 16.86 28.18
C ARG C 130 -4.79 16.18 28.87
N LEU C 131 -3.71 15.91 28.11
CA LEU C 131 -2.60 15.17 28.69
C LEU C 131 -1.26 15.52 28.01
N VAL C 132 -0.21 15.63 28.81
CA VAL C 132 1.14 15.87 28.32
C VAL C 132 1.96 14.59 28.55
N HIS C 133 2.66 14.10 27.50
CA HIS C 133 3.48 12.91 27.65
C HIS C 133 4.93 13.24 27.37
N SER C 134 5.87 12.69 28.14
CA SER C 134 7.27 12.69 27.69
C SER C 134 7.96 11.44 28.22
N THR C 135 9.27 11.33 28.06
CA THR C 135 9.97 10.07 28.43
C THR C 135 11.34 10.37 29.06
N GLY C 136 11.98 9.36 29.60
CA GLY C 136 13.30 9.56 30.18
C GLY C 136 14.35 9.85 29.13
N ILE C 137 14.01 9.64 27.85
CA ILE C 137 14.96 10.03 26.80
C ILE C 137 15.03 11.56 26.69
N THR C 138 13.88 12.21 26.66
CA THR C 138 13.83 13.69 26.63
C THR C 138 14.52 14.31 27.87
N LEU C 139 14.34 13.70 29.05
CA LEU C 139 15.00 14.18 30.22
C LEU C 139 16.52 14.03 30.11
N ALA C 140 17.01 13.04 29.33
CA ALA C 140 18.48 12.82 29.18
C ALA C 140 19.19 13.70 28.14
N ILE C 141 18.49 14.19 27.12
CA ILE C 141 19.26 14.71 25.97
C ILE C 141 19.90 16.05 26.19
N SER C 142 19.39 16.83 27.15
CA SER C 142 20.03 18.12 27.48
C SER C 142 19.34 18.63 28.71
N ASP C 143 20.01 19.58 29.40
CA ASP C 143 19.39 20.25 30.56
C ASP C 143 18.21 21.06 30.12
N ASN C 144 18.27 21.71 28.97
CA ASN C 144 17.08 22.46 28.57
C ASN C 144 15.87 21.63 28.11
N ALA C 145 16.11 20.45 27.54
CA ALA C 145 14.99 19.56 27.22
C ALA C 145 14.37 19.07 28.53
N LYS C 146 15.21 18.76 29.52
CA LYS C 146 14.68 18.37 30.82
C LYS C 146 13.81 19.50 31.39
N GLU C 147 14.31 20.73 31.35
CA GLU C 147 13.55 21.88 31.87
C GLU C 147 12.27 22.17 31.06
N ALA C 148 12.26 21.91 29.73
CA ALA C 148 11.03 21.92 28.95
C ALA C 148 10.00 20.93 29.47
N VAL C 149 10.44 19.71 29.79
CA VAL C 149 9.52 18.74 30.33
C VAL C 149 9.00 19.24 31.71
N ILE C 150 9.89 19.74 32.57
CA ILE C 150 9.48 20.16 33.95
C ILE C 150 8.46 21.32 33.84
N LYS C 151 8.71 22.29 32.97
CA LYS C 151 7.70 23.33 32.66
C LYS C 151 6.39 22.79 32.09
N ALA C 152 6.44 21.90 31.09
CA ALA C 152 5.21 21.38 30.49
C ALA C 152 4.44 20.57 31.53
N PHE C 153 5.16 19.86 32.41
CA PHE C 153 4.49 19.05 33.44
C PHE C 153 3.85 19.97 34.54
N GLU C 154 4.42 21.15 34.76
CA GLU C 154 3.87 22.17 35.67
CA GLU C 154 3.81 22.09 35.72
C GLU C 154 2.49 22.66 35.19
N LEU C 155 2.36 22.78 33.88
CA LEU C 155 1.20 23.39 33.28
C LEU C 155 0.11 22.40 32.92
N ALA C 156 0.48 21.13 32.74
CA ALA C 156 -0.46 20.06 32.32
C ALA C 156 -1.68 19.81 33.24
N LYS C 157 -2.82 19.52 32.66
CA LYS C 157 -3.95 18.95 33.40
C LYS C 157 -3.71 17.51 33.91
N SER C 158 -2.98 16.71 33.13
CA SER C 158 -2.61 15.32 33.48
C SER C 158 -1.34 14.95 32.67
N ARG C 159 -0.57 13.95 33.13
CA ARG C 159 0.75 13.66 32.63
C ARG C 159 0.91 12.14 32.44
N SER C 160 1.64 11.75 31.38
CA SER C 160 2.17 10.40 31.29
C SER C 160 3.70 10.49 31.13
N LEU C 161 4.38 9.48 31.66
CA LEU C 161 5.82 9.42 31.55
C LEU C 161 6.22 7.96 31.28
N ASP C 162 7.04 7.75 30.26
CA ASP C 162 7.68 6.48 30.07
C ASP C 162 9.10 6.67 30.64
N THR C 163 9.48 5.84 31.63
CA THR C 163 10.82 5.91 32.21
C THR C 163 11.95 5.73 31.16
N ASN C 164 11.79 4.80 30.23
CA ASN C 164 12.71 4.60 29.08
C ASN C 164 14.16 5.01 29.38
N ILE C 165 14.85 4.32 30.29
CA ILE C 165 16.26 4.67 30.60
C ILE C 165 17.17 3.98 29.58
N ARG C 166 17.87 4.77 28.78
CA ARG C 166 18.81 4.27 27.80
C ARG C 166 20.18 4.65 28.37
N PRO C 167 20.91 3.69 28.94
CA PRO C 167 22.16 4.03 29.63
C PRO C 167 23.19 4.86 28.81
N LYS C 168 23.26 4.62 27.50
CA LYS C 168 24.16 5.40 26.62
C LYS C 168 23.86 6.88 26.62
N LEU C 169 22.62 7.26 26.95
CA LEU C 169 22.24 8.68 26.92
C LEU C 169 22.53 9.39 28.22
N TRP C 170 22.92 8.66 29.26
CA TRP C 170 23.13 9.30 30.58
C TRP C 170 24.58 9.22 30.99
N SER C 171 25.05 10.19 31.80
CA SER C 171 26.45 10.09 32.29
C SER C 171 26.68 8.90 33.27
N SER C 172 25.63 8.52 34.01
CA SER C 172 25.65 7.36 34.89
C SER C 172 24.20 6.98 35.12
N LEU C 173 23.96 5.77 35.59
CA LEU C 173 22.62 5.33 35.98
C LEU C 173 22.13 6.08 37.23
N GLU C 174 23.06 6.46 38.11
CA GLU C 174 22.71 7.28 39.24
C GLU C 174 22.16 8.65 38.83
N LYS C 175 22.74 9.28 37.81
CA LYS C 175 22.15 10.50 37.23
C LYS C 175 20.72 10.30 36.67
N ALA C 176 20.52 9.23 35.90
CA ALA C 176 19.21 8.85 35.39
C ALA C 176 18.23 8.73 36.55
N LYS C 177 18.64 7.98 37.58
CA LYS C 177 17.75 7.70 38.73
C LYS C 177 17.35 8.99 39.41
N GLU C 178 18.32 9.85 39.71
CA GLU C 178 18.01 11.09 40.41
C GLU C 178 17.10 11.98 39.58
N THR C 179 17.35 12.01 38.27
CA THR C 179 16.58 12.88 37.40
C THR C 179 15.17 12.38 37.30
N ILE C 180 15.01 11.08 37.10
CA ILE C 180 13.66 10.59 36.93
C ILE C 180 12.85 10.67 38.23
N LEU C 181 13.42 10.23 39.36
CA LEU C 181 12.72 10.29 40.68
C LEU C 181 12.30 11.70 41.10
N SER C 182 13.09 12.70 40.72
N SER C 182 13.07 12.70 40.68
CA SER C 182 12.72 14.10 40.98
CA SER C 182 12.76 14.11 40.95
C SER C 182 11.39 14.41 40.31
C SER C 182 11.48 14.55 40.25
N ILE C 183 11.29 14.06 39.03
CA ILE C 183 10.06 14.22 38.27
C ILE C 183 8.88 13.54 38.97
N LEU C 184 9.02 12.26 39.32
CA LEU C 184 7.94 11.51 40.00
C LEU C 184 7.55 12.12 41.35
N LYS C 185 8.55 12.67 42.04
CA LYS C 185 8.34 13.29 43.36
C LYS C 185 7.62 14.63 43.28
N LYS C 186 7.92 15.41 42.25
CA LYS C 186 7.31 16.71 42.07
C LYS C 186 5.87 16.61 41.54
N TYR C 187 5.59 15.65 40.64
CA TYR C 187 4.32 15.60 39.91
C TYR C 187 3.48 14.34 40.08
N ASP C 188 2.16 14.49 40.05
CA ASP C 188 1.27 13.33 39.92
C ASP C 188 1.44 12.77 38.50
N ILE C 189 1.53 11.45 38.33
CA ILE C 189 1.62 10.87 36.97
C ILE C 189 0.38 10.04 36.76
N GLU C 190 -0.41 10.37 35.75
CA GLU C 190 -1.61 9.59 35.43
C GLU C 190 -1.28 8.21 34.88
N VAL C 191 -0.36 8.11 33.92
CA VAL C 191 0.09 6.78 33.46
C VAL C 191 1.60 6.76 33.45
N LEU C 192 2.19 5.86 34.25
CA LEU C 192 3.65 5.65 34.14
C LEU C 192 3.84 4.36 33.37
N ILE C 193 4.75 4.39 32.42
CA ILE C 193 5.08 3.22 31.63
C ILE C 193 6.52 2.89 31.97
N THR C 194 6.82 1.61 32.25
CA THR C 194 8.18 1.32 32.68
C THR C 194 8.40 -0.18 32.50
N ASP C 195 9.53 -0.70 32.95
CA ASP C 195 9.80 -2.12 32.79
C ASP C 195 10.72 -2.53 33.93
N PRO C 196 11.03 -3.84 34.04
CA PRO C 196 11.91 -4.34 35.11
C PRO C 196 13.28 -3.66 35.20
N ASP C 197 13.98 -3.52 34.08
CA ASP C 197 15.29 -2.82 34.09
C ASP C 197 15.23 -1.41 34.68
N ASP C 198 14.27 -0.61 34.21
CA ASP C 198 14.17 0.77 34.76
C ASP C 198 13.77 0.74 36.20
N THR C 199 12.83 -0.13 36.54
CA THR C 199 12.29 -0.13 37.91
C THR C 199 13.36 -0.59 38.92
N LYS C 200 14.21 -1.53 38.50
CA LYS C 200 15.39 -1.94 39.34
C LYS C 200 16.29 -0.74 39.63
N ILE C 201 16.56 0.09 38.62
CA ILE C 201 17.36 1.32 38.83
C ILE C 201 16.60 2.31 39.72
N LEU C 202 15.32 2.55 39.44
CA LEU C 202 14.59 3.59 40.18
C LEU C 202 14.18 3.23 41.62
N LEU C 203 13.75 1.98 41.85
CA LEU C 203 13.10 1.58 43.11
C LEU C 203 13.85 0.43 43.78
N ASP C 204 14.85 -0.10 43.09
CA ASP C 204 15.55 -1.32 43.52
C ASP C 204 14.60 -2.47 43.84
N VAL C 205 13.52 -2.62 43.05
CA VAL C 205 12.64 -3.78 43.17
C VAL C 205 12.46 -4.42 41.82
N THR C 206 12.15 -5.72 41.79
CA THR C 206 11.77 -6.42 40.55
C THR C 206 10.25 -6.74 40.55
N ASP C 207 9.74 -7.29 41.65
CA ASP C 207 8.30 -7.75 41.72
C ASP C 207 7.33 -6.65 41.27
N PRO C 208 6.49 -6.93 40.25
CA PRO C 208 5.59 -5.87 39.72
C PRO C 208 4.55 -5.39 40.77
N ASP C 209 4.09 -6.29 41.62
CA ASP C 209 3.07 -5.94 42.63
C ASP C 209 3.67 -4.91 43.58
N GLU C 210 4.93 -5.10 43.91
CA GLU C 210 5.62 -4.20 44.81
C GLU C 210 6.03 -2.89 44.11
N ALA C 211 6.42 -2.99 42.83
CA ALA C 211 6.62 -1.80 41.98
C ALA C 211 5.38 -0.92 41.99
N TYR C 212 4.18 -1.47 41.82
CA TYR C 212 2.99 -0.61 41.84
C TYR C 212 2.76 0.05 43.21
N ARG C 213 2.95 -0.72 44.30
CA ARG C 213 2.87 -0.13 45.65
C ARG C 213 3.84 1.07 45.82
N LYS C 214 5.11 0.90 45.44
CA LYS C 214 6.03 2.04 45.53
C LYS C 214 5.74 3.18 44.55
N TYR C 215 5.35 2.90 43.30
CA TYR C 215 5.04 3.98 42.36
C TYR C 215 3.80 4.75 42.78
N LYS C 216 2.79 4.04 43.25
CA LYS C 216 1.58 4.66 43.79
C LYS C 216 1.89 5.69 44.90
N GLU C 217 2.89 5.37 45.75
CA GLU C 217 3.38 6.30 46.81
C GLU C 217 3.94 7.57 46.22
N LEU C 218 4.47 7.46 45.01
CA LEU C 218 5.10 8.56 44.27
C LEU C 218 4.08 9.40 43.48
N GLY C 219 2.82 9.00 43.53
CA GLY C 219 1.80 9.73 42.87
C GLY C 219 1.33 9.18 41.54
N VAL C 220 1.74 7.97 41.20
CA VAL C 220 1.30 7.34 39.97
C VAL C 220 -0.09 6.70 40.13
N LYS C 221 -0.99 6.97 39.17
CA LYS C 221 -2.35 6.43 39.20
C LYS C 221 -2.42 5.06 38.49
N VAL C 222 -1.97 5.00 37.22
CA VAL C 222 -1.96 3.80 36.42
C VAL C 222 -0.50 3.44 36.11
N LEU C 223 -0.18 2.16 36.25
CA LEU C 223 1.17 1.69 35.85
C LEU C 223 1.04 0.69 34.73
N LEU C 224 1.79 0.91 33.64
CA LEU C 224 1.97 -0.09 32.58
C LEU C 224 3.35 -0.70 32.70
N TYR C 225 3.43 -1.98 32.91
CA TYR C 225 4.69 -2.62 33.29
C TYR C 225 4.97 -3.61 32.21
N LYS C 226 5.99 -3.30 31.44
CA LYS C 226 6.26 -4.02 30.19
C LYS C 226 7.23 -5.16 30.51
N LEU C 227 6.89 -6.38 30.08
CA LEU C 227 7.70 -7.57 30.34
C LEU C 227 8.23 -8.21 29.03
N GLY C 228 8.07 -7.53 27.90
CA GLY C 228 8.59 -7.98 26.61
C GLY C 228 7.99 -9.30 26.17
N SER C 229 8.85 -10.32 26.04
CA SER C 229 8.40 -11.64 25.60
C SER C 229 7.47 -12.32 26.62
N LYS C 230 7.44 -11.83 27.87
CA LYS C 230 6.52 -12.40 28.83
C LYS C 230 5.18 -11.65 28.92
N GLY C 231 4.94 -10.66 28.08
CA GLY C 231 3.66 -9.94 28.10
C GLY C 231 3.77 -8.55 28.74
N ALA C 232 2.70 -8.08 29.37
CA ALA C 232 2.76 -6.81 30.05
C ALA C 232 1.64 -6.84 31.09
N ILE C 233 1.74 -5.94 32.08
CA ILE C 233 0.79 -5.90 33.19
C ILE C 233 0.38 -4.46 33.33
N ALA C 234 -0.92 -4.22 33.56
CA ALA C 234 -1.41 -2.90 33.90
C ALA C 234 -2.04 -2.95 35.31
N TYR C 235 -1.80 -1.89 36.07
CA TYR C 235 -2.36 -1.75 37.43
C TYR C 235 -3.13 -0.46 37.46
N LYS C 236 -4.29 -0.49 38.09
CA LYS C 236 -4.98 0.76 38.46
C LYS C 236 -5.80 0.48 39.70
N ASP C 237 -5.49 1.18 40.78
CA ASP C 237 -6.25 1.02 42.08
C ASP C 237 -6.07 -0.43 42.49
N ASN C 238 -7.18 -1.19 42.47
CA ASN C 238 -7.11 -2.62 42.86
C ASN C 238 -7.28 -3.59 41.73
N VAL C 239 -7.29 -3.05 40.50
CA VAL C 239 -7.37 -3.86 39.28
C VAL C 239 -5.92 -4.18 38.87
N LYS C 240 -5.66 -5.46 38.58
CA LYS C 240 -4.43 -5.86 37.93
C LYS C 240 -4.87 -6.59 36.65
N ALA C 241 -4.25 -6.26 35.51
CA ALA C 241 -4.59 -6.93 34.27
C ALA C 241 -3.29 -7.43 33.68
N PHE C 242 -3.27 -8.69 33.28
CA PHE C 242 -2.09 -9.25 32.61
C PHE C 242 -2.48 -9.78 31.25
N LYS C 243 -1.60 -9.63 30.25
CA LYS C 243 -1.85 -10.13 28.90
C LYS C 243 -0.52 -10.65 28.36
N ASP C 244 -0.50 -11.91 27.96
CA ASP C 244 0.66 -12.56 27.42
C ASP C 244 1.05 -12.04 26.03
N ALA C 245 2.33 -12.14 25.73
CA ALA C 245 2.84 -11.76 24.42
C ALA C 245 2.42 -12.85 23.45
N TYR C 246 2.45 -12.51 22.16
CA TYR C 246 2.21 -13.42 21.05
C TYR C 246 3.54 -13.77 20.39
N LYS C 247 3.63 -14.97 19.87
CA LYS C 247 4.79 -15.40 19.10
C LYS C 247 4.68 -14.97 17.65
N VAL C 248 5.60 -14.12 17.19
CA VAL C 248 5.64 -13.73 15.75
C VAL C 248 7.11 -13.69 15.33
N PRO C 249 7.41 -13.80 14.01
CA PRO C 249 8.82 -13.60 13.62
C PRO C 249 9.26 -12.15 13.89
N VAL C 250 10.39 -11.97 14.54
CA VAL C 250 10.86 -10.64 14.87
C VAL C 250 11.81 -10.10 13.78
N GLU C 251 11.48 -8.95 13.23
CA GLU C 251 12.38 -8.29 12.34
C GLU C 251 13.16 -7.18 13.13
N ASP C 252 12.46 -6.34 13.90
CA ASP C 252 13.14 -5.30 14.67
C ASP C 252 12.20 -4.87 15.75
N PRO C 253 12.54 -5.11 17.02
CA PRO C 253 11.67 -4.69 18.12
C PRO C 253 11.72 -3.20 18.52
N THR C 254 12.61 -2.42 17.90
CA THR C 254 12.74 -1.02 18.26
C THR C 254 11.42 -0.27 18.12
N GLY C 255 11.06 0.53 19.15
CA GLY C 255 9.75 1.28 19.13
C GLY C 255 8.50 0.50 19.49
N ALA C 256 8.64 -0.80 19.72
CA ALA C 256 7.45 -1.61 20.10
C ALA C 256 6.81 -1.08 21.39
N GLY C 257 7.68 -0.71 22.28
CA GLY C 257 7.29 -0.16 23.57
C GLY C 257 6.56 1.16 23.40
N ASP C 258 6.92 1.97 22.39
CA ASP C 258 6.26 3.26 22.17
C ASP C 258 4.88 3.06 21.58
N ALA C 259 4.74 2.06 20.74
CA ALA C 259 3.44 1.71 20.15
C ALA C 259 2.48 1.24 21.24
N MET C 260 3.02 0.45 22.18
CA MET C 260 2.21 -0.07 23.24
C MET C 260 1.75 1.06 24.15
N ALA C 261 2.69 1.95 24.54
CA ALA C 261 2.43 3.07 25.42
C ALA C 261 1.47 4.06 24.79
N GLY C 262 1.69 4.47 23.55
CA GLY C 262 0.72 5.44 22.93
C GLY C 262 -0.68 4.85 22.76
N THR C 263 -0.76 3.58 22.38
CA THR C 263 -2.03 2.90 22.27
C THR C 263 -2.74 2.85 23.62
N PHE C 264 -2.01 2.39 24.65
CA PHE C 264 -2.56 2.23 26.00
C PHE C 264 -3.12 3.54 26.54
N VAL C 265 -2.26 4.57 26.55
CA VAL C 265 -2.61 5.91 27.02
C VAL C 265 -3.79 6.52 26.23
N SER C 266 -3.77 6.44 24.90
CA SER C 266 -4.87 7.04 24.13
C SER C 266 -6.21 6.33 24.36
N LEU C 267 -6.19 5.02 24.58
CA LEU C 267 -7.43 4.28 24.86
C LEU C 267 -7.91 4.58 26.25
N TYR C 268 -6.98 4.57 27.21
CA TYR C 268 -7.26 4.94 28.62
C TYR C 268 -7.88 6.32 28.68
N LEU C 269 -7.32 7.27 27.92
CA LEU C 269 -7.92 8.61 27.83
C LEU C 269 -9.37 8.68 27.28
N GLN C 270 -9.69 7.84 26.31
CA GLN C 270 -11.06 7.71 25.81
C GLN C 270 -12.00 6.91 26.72
N GLY C 271 -11.57 6.53 27.91
CA GLY C 271 -12.48 5.89 28.87
C GLY C 271 -12.49 4.37 28.78
N LYS C 272 -11.62 3.76 27.95
CA LYS C 272 -11.50 2.28 27.97
C LYS C 272 -10.84 1.81 29.25
N ASP C 273 -11.20 0.62 29.72
CA ASP C 273 -10.62 0.15 30.95
C ASP C 273 -9.19 -0.35 30.64
N ILE C 274 -8.41 -0.61 31.68
CA ILE C 274 -7.01 -0.99 31.50
C ILE C 274 -6.86 -2.37 30.86
N GLU C 275 -7.84 -3.26 31.04
CA GLU C 275 -7.75 -4.56 30.37
C GLU C 275 -7.83 -4.41 28.84
N TYR C 276 -8.78 -3.62 28.39
CA TYR C 276 -8.94 -3.35 26.94
C TYR C 276 -7.71 -2.58 26.40
N SER C 277 -7.25 -1.55 27.15
CA SER C 277 -6.12 -0.74 26.70
C SER C 277 -4.83 -1.56 26.66
N LEU C 278 -4.64 -2.45 27.64
CA LEU C 278 -3.50 -3.35 27.65
C LEU C 278 -3.49 -4.35 26.47
N ALA C 279 -4.63 -4.94 26.17
CA ALA C 279 -4.69 -5.96 25.14
C ALA C 279 -4.41 -5.28 23.81
N HIS C 280 -4.96 -4.10 23.63
CA HIS C 280 -4.61 -3.30 22.40
C HIS C 280 -3.12 -2.87 22.32
N GLY C 281 -2.53 -2.42 23.44
CA GLY C 281 -1.10 -2.10 23.52
C GLY C 281 -0.27 -3.30 23.08
N ILE C 282 -0.67 -4.48 23.51
CA ILE C 282 0.04 -5.72 23.13
C ILE C 282 -0.11 -6.07 21.60
N ALA C 283 -1.31 -5.85 21.07
CA ALA C 283 -1.57 -6.08 19.66
C ALA C 283 -0.64 -5.15 18.85
N ALA C 284 -0.56 -3.89 19.27
CA ALA C 284 0.27 -2.87 18.60
C ALA C 284 1.76 -3.20 18.65
N SER C 285 2.25 -3.59 19.83
N SER C 285 2.25 -3.55 19.83
CA SER C 285 3.65 -3.97 20.00
CA SER C 285 3.62 -3.99 19.97
C SER C 285 3.99 -5.27 19.26
C SER C 285 3.89 -5.16 19.02
N THR C 286 3.03 -6.16 19.05
CA THR C 286 3.22 -7.41 18.22
C THR C 286 3.38 -7.10 16.74
N LEU C 287 2.54 -6.19 16.22
CA LEU C 287 2.59 -5.92 14.79
C LEU C 287 3.86 -5.20 14.41
N VAL C 288 4.26 -4.22 15.21
CA VAL C 288 5.43 -3.39 14.78
C VAL C 288 6.76 -4.18 14.80
N ILE C 289 6.85 -5.19 15.65
CA ILE C 289 8.11 -5.95 15.65
C ILE C 289 8.31 -6.83 14.44
N THR C 290 7.27 -7.05 13.65
CA THR C 290 7.44 -7.92 12.45
C THR C 290 8.10 -7.22 11.26
N VAL C 291 8.39 -5.90 11.37
CA VAL C 291 9.02 -5.15 10.25
C VAL C 291 10.15 -4.31 10.78
N ARG C 292 11.03 -3.87 9.88
CA ARG C 292 12.12 -2.91 10.22
C ARG C 292 11.65 -1.55 10.82
N GLY C 293 10.62 -0.96 10.25
CA GLY C 293 10.18 0.34 10.85
C GLY C 293 9.43 0.25 12.17
N ASP C 294 9.34 1.38 12.87
CA ASP C 294 8.83 1.37 14.25
C ASP C 294 7.34 1.59 14.34
N ASN C 295 6.79 2.35 13.39
CA ASN C 295 5.41 2.80 13.57
C ASN C 295 4.48 2.63 12.37
N GLU C 296 4.99 2.25 11.19
CA GLU C 296 4.09 2.02 10.04
C GLU C 296 2.95 0.99 10.33
N LEU C 297 3.28 -0.07 11.08
CA LEU C 297 2.29 -1.10 11.40
C LEU C 297 1.51 -0.92 12.72
N THR C 298 1.61 0.23 13.36
CA THR C 298 0.84 0.47 14.57
C THR C 298 -0.64 0.53 14.14
N PRO C 299 -1.47 -0.34 14.73
CA PRO C 299 -2.84 -0.52 14.27
C PRO C 299 -3.75 0.58 14.75
N THR C 300 -4.76 0.91 13.96
CA THR C 300 -5.85 1.68 14.52
C THR C 300 -6.61 0.84 15.55
N LEU C 301 -7.49 1.50 16.28
CA LEU C 301 -8.38 0.80 17.21
C LEU C 301 -9.05 -0.40 16.57
N GLU C 302 -9.66 -0.21 15.40
CA GLU C 302 -10.44 -1.27 14.74
C GLU C 302 -9.55 -2.39 14.24
N ASP C 303 -8.36 -2.08 13.72
CA ASP C 303 -7.44 -3.14 13.29
C ASP C 303 -6.92 -3.97 14.49
N ALA C 304 -6.65 -3.32 15.63
CA ALA C 304 -6.18 -4.02 16.82
C ALA C 304 -7.31 -4.93 17.34
N GLU C 305 -8.57 -4.47 17.25
CA GLU C 305 -9.72 -5.33 17.62
C GLU C 305 -9.76 -6.56 16.66
N ARG C 306 -9.53 -6.39 15.35
CA ARG C 306 -9.44 -7.55 14.45
C ARG C 306 -8.34 -8.49 14.89
N PHE C 307 -7.19 -7.93 15.15
CA PHE C 307 -6.02 -8.76 15.55
C PHE C 307 -6.42 -9.59 16.78
N LEU C 308 -7.00 -8.92 17.76
CA LEU C 308 -7.30 -9.58 19.03
C LEU C 308 -8.36 -10.71 18.91
N ASN C 309 -9.33 -10.51 18.02
CA ASN C 309 -10.42 -11.47 17.79
C ASN C 309 -10.04 -12.61 16.85
N GLU C 310 -9.01 -12.40 16.00
CA GLU C 310 -8.67 -13.36 14.94
C GLU C 310 -7.32 -14.05 15.07
N PHE C 311 -6.31 -13.39 15.65
CA PHE C 311 -4.97 -13.96 15.70
C PHE C 311 -4.74 -14.90 16.90
N LYS C 312 -4.21 -16.10 16.69
CA LYS C 312 -3.49 -16.78 17.83
C LYS C 312 -2.37 -17.74 17.46
#